data_4W5R
#
_entry.id   4W5R
#
_cell.length_a   55.378
_cell.length_b   116.184
_cell.length_c   69.678
_cell.angle_alpha   90.00
_cell.angle_beta   92.17
_cell.angle_gamma   90.00
#
_symmetry.space_group_name_H-M   'P 1 21 1'
#
loop_
_entity.id
_entity.type
_entity.pdbx_description
1 polymer 'Protein argonaute-2'
2 polymer "RNA (5'-R(P*UP*UP*CP*AP*CP*AP*UP*UP*GP*UP*U)-3')"
3 polymer "RNA (5'-R(P*AP*AP*UP*GP*UP*GP*AP*AP*A)-3')"
4 non-polymer 'ISOPROPYL ALCOHOL'
5 non-polymer PHENOL
6 non-polymer 'MAGNESIUM ION'
7 water water
#
loop_
_entity_poly.entity_id
_entity_poly.type
_entity_poly.pdbx_seq_one_letter_code
_entity_poly.pdbx_strand_id
1 'polypeptide(L)'
;MYSGAGPALAPPAPPPPIQGYAFKPPPRPDFGTSGRTIKLQANFFEMDIPKIDIYHYELDIKPEKCPRRVNREIVEHMVQ
HFKTQIFGDRKPVFDGRKNLYTAMPLPIGRDKVELEVTLPGEGKDRIFKVSIKWVSCVSLQALHDALSGRLPSVPFETIQ
ALDVVMRHLPSMRYTPVGRSFFTASEGCSNPLGGGREVWFGFHQSVRPSLWKMMLNIDVSATAFYKAQPVIEFVCEVLDF
KSIEEQQKPLTDSQRVKFTKEIKGLKVEITHCGQMKRKYRVCNVTRRPASHQTFPLQQESGQTVECTVAQYFKDRHKLVL
RYPHLPCLQVGQEQKHTYLPLEVCNIVAGQRCIKKLTDNQTSTMIRATARSAPDRQEEISKLMRSADFNTDPYVREFGIM
VKDEMTDVTGRVLQPPSILYGGRNKAIATPVQGVWDMRNKQFHTGIEIKVWAIACFAPQRQCTEVHLKSFTEQLRKISRD
AGMPIQGQPCFCKYAQGADSVEPMFRHLKNTYAGLQLVVVILPGKTPVYAEVKRVGDTVLGMATQCVQMKNVQRTTPQTL
SNLCLKINVKLGGVNNILLPQGRPPVFQQPVIFLGADVTHPPAGDGKKPSIAAVVGSMDAHPNRYCATVRVQQHRQEIIQ
DLAAMVRELLIQFYKSTRFKPTRIIFYRDGVSEGQFQQVLHHELLAIREACIKLEKDYQPGITFIVVQKRHHTRLFCTDK
NERVGKSGNIPAGTTVDTKITHPTEFDFYLCSHAGIQGTSRPSHYHVLWDDNRFSSDELQILTYQLCHTYVRCTRSVSIP
APAYYAHLVAFRARYHLVDKEHDSAEGSHTSGQSNGRDHQALAKAVQVHQDTLRTMYFA
;
A
2 'polyribonucleotide' UUCACAUUGCCCAAGUCUCUU B
3 'polyribonucleotide' CCAAAUGUGAAAA D
#
# COMPACT_ATOMS: atom_id res chain seq x y z
N ALA A 22 -3.27 -17.99 -22.59
CA ALA A 22 -3.27 -16.70 -21.92
C ALA A 22 -3.98 -16.76 -20.57
N PHE A 23 -4.24 -17.98 -20.11
CA PHE A 23 -5.08 -18.19 -18.93
C PHE A 23 -4.34 -18.59 -17.65
N LYS A 24 -3.63 -19.72 -17.69
CA LYS A 24 -3.05 -20.30 -16.47
C LYS A 24 -1.56 -20.03 -16.28
N PRO A 25 -1.16 -19.71 -15.03
CA PRO A 25 0.23 -19.40 -14.69
C PRO A 25 1.15 -20.59 -14.91
N PRO A 26 2.36 -20.34 -15.44
CA PRO A 26 3.30 -21.42 -15.73
C PRO A 26 3.76 -22.12 -14.47
N PRO A 27 4.08 -23.41 -14.56
CA PRO A 27 4.63 -24.13 -13.40
C PRO A 27 6.03 -23.62 -13.10
N ARG A 28 6.45 -23.72 -11.85
CA ARG A 28 7.82 -23.39 -11.48
C ARG A 28 8.77 -24.24 -12.33
N PRO A 29 9.64 -23.58 -13.12
CA PRO A 29 10.54 -24.29 -14.03
C PRO A 29 11.62 -25.09 -13.30
N ASP A 30 12.15 -24.54 -12.22
CA ASP A 30 13.19 -25.18 -11.43
C ASP A 30 13.38 -24.39 -10.14
N PHE A 31 14.42 -24.73 -9.38
CA PHE A 31 14.76 -23.96 -8.19
C PHE A 31 16.07 -23.20 -8.39
N GLY A 32 16.16 -21.99 -7.84
CA GLY A 32 17.37 -21.20 -7.93
C GLY A 32 18.53 -21.89 -7.24
N THR A 33 19.75 -21.67 -7.74
CA THR A 33 20.94 -22.28 -7.16
C THR A 33 22.04 -21.25 -6.86
N SER A 34 21.89 -20.03 -7.37
CA SER A 34 22.90 -18.99 -7.19
C SER A 34 22.90 -18.41 -5.79
N GLY A 35 24.07 -17.96 -5.34
CA GLY A 35 24.21 -17.27 -4.07
C GLY A 35 24.41 -18.18 -2.88
N ARG A 36 25.11 -17.67 -1.87
CA ARG A 36 25.36 -18.45 -0.66
C ARG A 36 24.08 -18.60 0.17
N THR A 37 23.98 -19.72 0.89
CA THR A 37 22.79 -20.00 1.69
C THR A 37 22.76 -19.17 2.98
N ILE A 38 21.56 -18.94 3.48
CA ILE A 38 21.37 -18.25 4.75
C ILE A 38 20.18 -18.88 5.48
N LYS A 39 20.34 -19.09 6.78
CA LYS A 39 19.29 -19.67 7.59
C LYS A 39 18.29 -18.61 8.00
N LEU A 40 17.03 -18.85 7.68
CA LEU A 40 15.97 -17.87 7.92
C LEU A 40 14.81 -18.49 8.69
N GLN A 41 14.03 -17.63 9.31
CA GLN A 41 12.73 -18.04 9.85
C GLN A 41 11.64 -17.19 9.24
N ALA A 42 10.53 -17.81 8.91
CA ALA A 42 9.39 -17.12 8.35
C ALA A 42 8.20 -17.21 9.29
N ASN A 43 7.44 -16.12 9.33
CA ASN A 43 6.21 -16.04 10.09
C ASN A 43 5.09 -16.84 9.43
N PHE A 44 5.45 -18.03 8.95
CA PHE A 44 4.50 -19.03 8.49
C PHE A 44 4.54 -20.16 9.50
N PHE A 45 3.37 -20.65 9.90
CA PHE A 45 3.29 -21.70 10.91
C PHE A 45 2.58 -22.92 10.34
N GLU A 46 3.29 -24.05 10.28
CA GLU A 46 2.78 -25.25 9.64
C GLU A 46 1.47 -25.75 10.23
N MET A 47 0.56 -26.17 9.34
CA MET A 47 -0.75 -26.66 9.75
C MET A 47 -0.94 -28.14 9.46
N ASP A 48 -1.58 -28.84 10.39
CA ASP A 48 -1.96 -30.22 10.17
C ASP A 48 -3.42 -30.27 9.75
N ILE A 49 -3.67 -30.77 8.55
CA ILE A 49 -5.03 -30.84 8.01
C ILE A 49 -5.44 -32.30 7.80
N PRO A 50 -6.59 -32.71 8.36
CA PRO A 50 -7.08 -34.08 8.21
C PRO A 50 -7.44 -34.41 6.76
N LYS A 51 -7.70 -35.69 6.47
CA LYS A 51 -8.00 -36.12 5.12
C LYS A 51 -9.50 -36.11 4.82
N ILE A 52 -10.30 -35.87 5.86
CA ILE A 52 -11.75 -35.98 5.77
C ILE A 52 -12.40 -34.99 4.81
N ASP A 53 -13.71 -35.11 4.64
CA ASP A 53 -14.47 -34.18 3.81
C ASP A 53 -15.34 -33.27 4.67
N ILE A 54 -15.14 -31.97 4.52
CA ILE A 54 -15.98 -30.97 5.19
C ILE A 54 -17.24 -30.78 4.35
N TYR A 55 -18.35 -30.47 4.99
CA TYR A 55 -19.62 -30.31 4.29
C TYR A 55 -20.04 -28.84 4.28
N HIS A 56 -20.42 -28.35 3.11
CA HIS A 56 -20.70 -26.93 2.91
C HIS A 56 -22.16 -26.65 2.60
N TYR A 57 -22.75 -25.76 3.40
CA TYR A 57 -24.16 -25.39 3.32
C TYR A 57 -24.31 -23.89 3.04
N GLU A 58 -25.32 -23.54 2.23
CA GLU A 58 -25.65 -22.15 1.94
C GLU A 58 -26.58 -21.59 3.02
N LEU A 59 -26.35 -20.34 3.40
CA LEU A 59 -27.21 -19.69 4.39
C LEU A 59 -27.79 -18.39 3.84
N ASP A 60 -29.10 -18.25 3.95
CA ASP A 60 -29.77 -17.00 3.60
C ASP A 60 -30.50 -16.47 4.83
N ILE A 61 -30.15 -15.27 5.25
CA ILE A 61 -30.74 -14.67 6.44
C ILE A 61 -31.65 -13.50 6.08
N LYS A 62 -32.87 -13.51 6.61
CA LYS A 62 -33.80 -12.42 6.38
C LYS A 62 -34.18 -11.73 7.70
N PRO A 63 -34.02 -10.39 7.76
CA PRO A 63 -33.58 -9.46 6.71
C PRO A 63 -32.14 -9.67 6.25
N GLU A 64 -31.81 -9.17 5.06
CA GLU A 64 -30.54 -9.48 4.41
C GLU A 64 -29.53 -8.33 4.48
N LYS A 65 -29.91 -7.26 5.17
CA LYS A 65 -29.09 -6.06 5.23
C LYS A 65 -28.17 -6.04 6.45
N CYS A 66 -28.31 -7.03 7.31
CA CYS A 66 -27.63 -7.06 8.60
C CYS A 66 -26.11 -7.07 8.48
N PRO A 67 -25.42 -6.37 9.40
CA PRO A 67 -23.96 -6.38 9.49
C PRO A 67 -23.43 -7.80 9.67
N ARG A 68 -22.21 -8.04 9.21
CA ARG A 68 -21.58 -9.36 9.29
C ARG A 68 -21.53 -9.87 10.73
N ARG A 69 -21.20 -8.97 11.65
CA ARG A 69 -21.19 -9.28 13.08
C ARG A 69 -22.57 -9.80 13.54
N VAL A 70 -23.61 -9.05 13.18
CA VAL A 70 -24.98 -9.42 13.52
C VAL A 70 -25.36 -10.76 12.91
N ASN A 71 -24.91 -11.00 11.68
CA ASN A 71 -25.13 -12.28 11.02
C ASN A 71 -24.51 -13.44 11.79
N ARG A 72 -23.24 -13.27 12.17
CA ARG A 72 -22.53 -14.26 12.97
C ARG A 72 -23.28 -14.56 14.25
N GLU A 73 -23.75 -13.49 14.90
CA GLU A 73 -24.52 -13.63 16.14
C GLU A 73 -25.80 -14.43 15.88
N ILE A 74 -26.46 -14.15 14.76
CA ILE A 74 -27.68 -14.82 14.38
C ILE A 74 -27.47 -16.32 14.17
N VAL A 75 -26.41 -16.67 13.46
CA VAL A 75 -26.08 -18.08 13.22
C VAL A 75 -25.71 -18.80 14.52
N GLU A 76 -24.90 -18.15 15.34
CA GLU A 76 -24.54 -18.69 16.65
C GLU A 76 -25.78 -19.00 17.48
N HIS A 77 -26.71 -18.04 17.50
CA HIS A 77 -27.94 -18.18 18.26
C HIS A 77 -28.85 -19.26 17.66
N MET A 78 -28.76 -19.42 16.34
CA MET A 78 -29.53 -20.45 15.65
C MET A 78 -29.02 -21.83 16.04
N VAL A 79 -27.70 -21.95 16.14
CA VAL A 79 -27.08 -23.22 16.55
C VAL A 79 -27.43 -23.52 18.00
N GLN A 80 -27.45 -22.49 18.83
CA GLN A 80 -27.74 -22.70 20.25
C GLN A 80 -29.22 -22.96 20.54
N HIS A 81 -30.10 -22.44 19.68
CA HIS A 81 -31.54 -22.59 19.87
C HIS A 81 -32.06 -23.83 19.16
N PHE A 82 -31.35 -24.28 18.14
CA PHE A 82 -31.74 -25.47 17.40
C PHE A 82 -30.64 -26.54 17.47
N LYS A 83 -29.98 -26.59 18.62
CA LYS A 83 -28.96 -27.59 18.89
C LYS A 83 -29.62 -28.98 18.94
N THR A 84 -30.92 -28.99 19.21
CA THR A 84 -31.66 -30.23 19.34
C THR A 84 -32.03 -30.83 17.97
N GLN A 85 -31.48 -32.01 17.70
CA GLN A 85 -31.82 -32.79 16.51
C GLN A 85 -31.39 -32.19 15.18
N ILE A 86 -30.77 -31.02 15.24
CA ILE A 86 -29.93 -30.52 14.17
C ILE A 86 -28.57 -30.31 14.83
N PHE A 87 -27.50 -30.44 14.05
CA PHE A 87 -26.13 -30.30 14.58
C PHE A 87 -25.81 -31.40 15.59
N ARG A 90 -21.33 -31.01 15.67
CA ARG A 90 -21.68 -30.22 16.83
C ARG A 90 -21.30 -28.74 16.67
N LYS A 91 -20.12 -28.48 16.14
CA LYS A 91 -19.59 -27.11 16.08
C LYS A 91 -19.27 -26.62 14.68
N PRO A 92 -20.25 -25.96 14.03
CA PRO A 92 -20.07 -25.41 12.68
C PRO A 92 -19.35 -24.06 12.68
N VAL A 93 -18.79 -23.68 11.52
CA VAL A 93 -18.14 -22.38 11.38
C VAL A 93 -18.87 -21.53 10.34
N PHE A 94 -18.87 -20.22 10.55
CA PHE A 94 -19.60 -19.31 9.69
C PHE A 94 -18.70 -18.19 9.17
N ASP A 95 -18.84 -17.88 7.89
CA ASP A 95 -17.99 -16.87 7.25
C ASP A 95 -18.54 -15.47 7.46
N GLY A 96 -19.73 -15.38 8.02
CA GLY A 96 -20.33 -14.09 8.34
C GLY A 96 -21.41 -13.66 7.37
N ARG A 97 -21.56 -14.39 6.26
CA ARG A 97 -22.56 -14.04 5.26
C ARG A 97 -23.46 -15.21 4.86
N LYS A 98 -22.96 -16.09 4.00
CA LYS A 98 -23.79 -17.15 3.44
C LYS A 98 -23.19 -18.55 3.49
N ASN A 99 -22.01 -18.69 4.10
CA ASN A 99 -21.32 -19.99 4.09
C ASN A 99 -21.19 -20.67 5.44
N LEU A 100 -21.76 -21.86 5.55
CA LEU A 100 -21.66 -22.64 6.78
C LEU A 100 -20.93 -23.94 6.52
N TYR A 101 -19.86 -24.19 7.26
CA TYR A 101 -19.10 -25.43 7.10
C TYR A 101 -19.25 -26.31 8.34
N THR A 102 -19.37 -27.61 8.12
CA THR A 102 -19.47 -28.56 9.22
C THR A 102 -18.54 -29.75 8.99
N ALA A 103 -17.89 -30.22 10.06
CA ALA A 103 -16.98 -31.36 9.96
C ALA A 103 -17.73 -32.65 9.62
N MET A 104 -18.95 -32.76 10.14
CA MET A 104 -19.81 -33.90 9.88
C MET A 104 -21.11 -33.43 9.20
N PRO A 105 -21.82 -34.33 8.50
CA PRO A 105 -23.04 -33.88 7.83
C PRO A 105 -24.14 -33.53 8.83
N LEU A 106 -25.17 -32.84 8.36
CA LEU A 106 -26.29 -32.47 9.19
C LEU A 106 -27.52 -33.27 8.78
N PRO A 107 -28.33 -33.73 9.75
CA PRO A 107 -29.52 -34.52 9.47
C PRO A 107 -30.53 -33.70 8.67
N ILE A 108 -30.18 -33.37 7.44
CA ILE A 108 -30.96 -32.47 6.62
C ILE A 108 -30.89 -32.88 5.15
N GLY A 109 -29.88 -33.66 4.81
CA GLY A 109 -29.64 -34.05 3.43
C GLY A 109 -29.44 -32.82 2.57
N ARG A 110 -30.16 -32.75 1.46
CA ARG A 110 -30.11 -31.59 0.57
C ARG A 110 -31.31 -30.68 0.80
N ASP A 111 -32.13 -31.01 1.79
CA ASP A 111 -33.34 -30.26 2.08
C ASP A 111 -33.03 -28.81 2.49
N LYS A 112 -33.76 -27.88 1.89
CA LYS A 112 -33.67 -26.47 2.28
C LYS A 112 -34.70 -26.21 3.37
N VAL A 113 -34.24 -26.01 4.60
CA VAL A 113 -35.14 -25.81 5.72
C VAL A 113 -35.13 -24.37 6.22
N GLU A 114 -36.28 -23.89 6.70
CA GLU A 114 -36.42 -22.55 7.22
C GLU A 114 -36.52 -22.56 8.74
N LEU A 115 -35.63 -21.85 9.40
CA LEU A 115 -35.58 -21.81 10.87
C LEU A 115 -35.92 -20.42 11.42
N GLU A 116 -36.85 -20.39 12.37
CA GLU A 116 -37.23 -19.16 13.04
C GLU A 116 -36.34 -18.92 14.26
N VAL A 117 -35.52 -17.88 14.19
CA VAL A 117 -34.61 -17.56 15.28
C VAL A 117 -34.93 -16.20 15.88
N THR A 118 -35.19 -16.18 17.19
CA THR A 118 -35.52 -14.95 17.88
C THR A 118 -34.39 -14.52 18.82
N LEU A 119 -33.83 -13.35 18.56
CA LEU A 119 -32.64 -12.87 19.29
C LEU A 119 -32.90 -11.61 20.09
N PRO A 120 -32.56 -11.63 21.39
CA PRO A 120 -32.65 -10.44 22.25
C PRO A 120 -31.51 -9.46 21.96
N ILE A 127 -36.73 -13.11 15.39
CA ILE A 127 -37.10 -12.07 14.44
C ILE A 127 -36.37 -12.28 13.11
N PHE A 128 -35.54 -13.32 13.06
CA PHE A 128 -34.76 -13.63 11.87
C PHE A 128 -35.09 -14.99 11.28
N LYS A 129 -35.27 -15.03 9.96
CA LYS A 129 -35.56 -16.27 9.25
C LYS A 129 -34.31 -16.79 8.55
N VAL A 130 -33.84 -17.96 8.95
CA VAL A 130 -32.61 -18.52 8.39
C VAL A 130 -32.83 -19.81 7.60
N SER A 131 -32.57 -19.75 6.30
CA SER A 131 -32.71 -20.93 5.44
C SER A 131 -31.37 -21.63 5.21
N ILE A 132 -31.36 -22.94 5.36
CA ILE A 132 -30.14 -23.73 5.22
C ILE A 132 -30.27 -24.74 4.09
N LYS A 133 -29.46 -24.59 3.05
CA LYS A 133 -29.43 -25.54 1.94
C LYS A 133 -28.03 -26.10 1.73
N TRP A 134 -27.94 -27.44 1.69
CA TRP A 134 -26.67 -28.11 1.45
C TRP A 134 -26.15 -27.79 0.06
N VAL A 135 -24.93 -27.26 0.00
CA VAL A 135 -24.33 -26.91 -1.28
C VAL A 135 -23.44 -28.02 -1.82
N SER A 136 -22.39 -28.34 -1.08
CA SER A 136 -21.38 -29.25 -1.62
C SER A 136 -20.50 -29.92 -0.57
N CYS A 137 -19.47 -30.61 -1.06
CA CYS A 137 -18.46 -31.20 -0.21
C CYS A 137 -17.09 -30.65 -0.57
N VAL A 138 -16.26 -30.48 0.45
CA VAL A 138 -14.88 -30.04 0.27
C VAL A 138 -13.94 -31.11 0.79
N SER A 139 -13.17 -31.72 -0.11
CA SER A 139 -12.24 -32.76 0.29
C SER A 139 -10.86 -32.18 0.58
N LEU A 140 -10.43 -32.32 1.83
CA LEU A 140 -9.11 -31.86 2.23
C LEU A 140 -8.04 -32.77 1.64
N GLN A 141 -8.43 -34.00 1.34
CA GLN A 141 -7.55 -34.94 0.65
C GLN A 141 -7.10 -34.38 -0.68
N ALA A 142 -8.03 -33.76 -1.41
CA ALA A 142 -7.72 -33.12 -2.69
C ALA A 142 -6.74 -31.96 -2.50
N LEU A 143 -6.82 -31.31 -1.35
CA LEU A 143 -5.88 -30.25 -1.01
C LEU A 143 -4.50 -30.85 -0.79
N HIS A 144 -4.45 -32.04 -0.16
CA HIS A 144 -3.20 -32.76 -0.01
C HIS A 144 -2.62 -33.12 -1.38
N ASP A 145 -3.50 -33.45 -2.33
CA ASP A 145 -3.08 -33.75 -3.69
C ASP A 145 -2.50 -32.52 -4.34
N ALA A 146 -3.11 -31.36 -4.07
CA ALA A 146 -2.67 -30.10 -4.67
C ALA A 146 -1.35 -29.59 -4.08
N LEU A 147 -1.15 -29.81 -2.79
CA LEU A 147 0.08 -29.38 -2.13
C LEU A 147 1.26 -30.23 -2.59
N SER A 148 0.97 -31.47 -2.95
CA SER A 148 1.95 -32.31 -3.63
C SER A 148 1.91 -31.97 -5.11
N GLY A 149 2.53 -32.79 -5.95
CA GLY A 149 2.54 -32.53 -7.37
C GLY A 149 1.32 -33.11 -8.08
N ARG A 150 0.63 -34.01 -7.39
CA ARG A 150 -0.43 -34.83 -7.98
C ARG A 150 -1.55 -34.03 -8.66
N LEU A 151 -2.12 -33.06 -7.94
CA LEU A 151 -3.16 -32.23 -8.52
C LEU A 151 -2.56 -30.92 -9.06
N PRO A 152 -2.87 -30.58 -10.32
CA PRO A 152 -2.31 -29.42 -11.02
C PRO A 152 -2.57 -28.08 -10.33
N SER A 153 -3.73 -27.93 -9.71
CA SER A 153 -4.09 -26.65 -9.10
C SER A 153 -4.56 -26.80 -7.66
N VAL A 154 -4.36 -25.74 -6.87
CA VAL A 154 -4.86 -25.69 -5.51
C VAL A 154 -6.33 -25.29 -5.51
N PRO A 155 -7.22 -26.19 -5.06
CA PRO A 155 -8.65 -25.91 -5.04
C PRO A 155 -8.99 -24.79 -4.07
N PHE A 156 -9.48 -23.67 -4.59
CA PHE A 156 -9.74 -22.49 -3.76
C PHE A 156 -10.81 -22.70 -2.69
N GLU A 157 -11.84 -23.48 -3.02
CA GLU A 157 -12.93 -23.77 -2.08
C GLU A 157 -12.39 -24.30 -0.75
N THR A 158 -11.39 -25.18 -0.84
CA THR A 158 -10.76 -25.76 0.33
C THR A 158 -10.03 -24.71 1.17
N ILE A 159 -9.29 -23.84 0.49
CA ILE A 159 -8.56 -22.76 1.14
C ILE A 159 -9.52 -21.85 1.89
N GLN A 160 -10.61 -21.48 1.22
CA GLN A 160 -11.62 -20.62 1.81
C GLN A 160 -12.26 -21.29 3.02
N ALA A 161 -12.52 -22.59 2.90
CA ALA A 161 -13.08 -23.37 4.00
C ALA A 161 -12.17 -23.28 5.22
N LEU A 162 -10.89 -23.61 5.02
CA LEU A 162 -9.90 -23.54 6.09
C LEU A 162 -9.81 -22.15 6.70
N ASP A 163 -9.91 -21.13 5.86
CA ASP A 163 -9.83 -19.76 6.35
C ASP A 163 -11.03 -19.42 7.23
N VAL A 164 -12.23 -19.84 6.81
CA VAL A 164 -13.43 -19.63 7.61
C VAL A 164 -13.30 -20.33 8.95
N VAL A 165 -12.74 -21.54 8.92
CA VAL A 165 -12.48 -22.29 10.15
C VAL A 165 -11.56 -21.52 11.09
N MET A 166 -10.41 -21.10 10.58
CA MET A 166 -9.43 -20.39 11.39
C MET A 166 -9.91 -19.01 11.81
N ARG A 167 -10.97 -18.52 11.17
CA ARG A 167 -11.43 -17.16 11.39
C ARG A 167 -12.70 -17.08 12.24
N HIS A 168 -13.35 -18.23 12.45
CA HIS A 168 -14.62 -18.24 13.18
C HIS A 168 -14.54 -17.66 14.59
N LEU A 169 -13.72 -18.26 15.45
CA LEU A 169 -13.60 -17.80 16.85
C LEU A 169 -13.08 -16.36 17.00
N PRO A 170 -11.94 -16.02 16.37
CA PRO A 170 -11.41 -14.66 16.57
C PRO A 170 -12.35 -13.56 16.06
N SER A 171 -13.23 -13.89 15.11
CA SER A 171 -14.13 -12.91 14.53
C SER A 171 -15.21 -12.48 15.51
N MET A 172 -15.46 -13.31 16.52
CA MET A 172 -16.48 -13.03 17.51
C MET A 172 -15.87 -12.74 18.88
N ARG A 173 -14.54 -12.79 18.95
CA ARG A 173 -13.84 -12.48 20.18
C ARG A 173 -13.05 -11.18 20.06
N TYR A 174 -12.48 -10.94 18.89
CA TYR A 174 -11.73 -9.71 18.64
C TYR A 174 -12.47 -8.84 17.64
N THR A 175 -11.88 -7.70 17.29
CA THR A 175 -12.47 -6.83 16.28
C THR A 175 -11.82 -7.09 14.93
N PRO A 176 -12.57 -7.73 14.02
CA PRO A 176 -12.05 -8.04 12.69
C PRO A 176 -11.88 -6.78 11.86
N VAL A 177 -10.66 -6.58 11.36
CA VAL A 177 -10.40 -5.52 10.39
C VAL A 177 -9.70 -6.14 9.19
N GLY A 178 -10.47 -6.40 8.14
CA GLY A 178 -9.94 -7.08 6.97
C GLY A 178 -9.55 -8.50 7.33
N ARG A 179 -8.31 -8.86 7.03
CA ARG A 179 -7.81 -10.19 7.39
C ARG A 179 -7.12 -10.17 8.75
N SER A 180 -7.21 -9.03 9.43
CA SER A 180 -6.60 -8.88 10.74
C SER A 180 -7.63 -8.87 11.87
N PHE A 181 -7.14 -8.93 13.11
CA PHE A 181 -7.97 -8.86 14.29
C PHE A 181 -7.31 -7.93 15.29
N PHE A 182 -8.10 -7.10 15.95
CA PHE A 182 -7.55 -6.17 16.91
C PHE A 182 -8.25 -6.25 18.26
N THR A 183 -7.52 -5.80 19.27
CA THR A 183 -8.05 -5.75 20.61
C THR A 183 -7.38 -4.67 21.45
N ALA A 184 -8.11 -4.24 22.46
CA ALA A 184 -7.58 -3.40 23.52
C ALA A 184 -6.64 -4.26 24.33
N SER A 185 -5.35 -3.94 24.27
CA SER A 185 -4.34 -4.72 24.97
C SER A 185 -4.49 -4.59 26.47
N GLU A 186 -4.87 -5.69 27.12
CA GLU A 186 -5.12 -5.70 28.56
C GLU A 186 -3.90 -5.26 29.35
N GLY A 187 -4.09 -4.29 30.23
CA GLY A 187 -3.02 -3.80 31.08
C GLY A 187 -2.29 -2.59 30.51
N CYS A 188 -2.48 -2.34 29.23
CA CYS A 188 -1.85 -1.21 28.58
C CYS A 188 -2.86 -0.17 28.15
N SER A 189 -2.47 1.10 28.22
CA SER A 189 -3.24 2.17 27.63
C SER A 189 -2.30 2.97 26.75
N ASN A 190 -2.63 3.07 25.47
CA ASN A 190 -1.83 3.85 24.54
C ASN A 190 -2.63 4.99 23.93
N PRO A 191 -2.90 6.04 24.73
CA PRO A 191 -3.69 7.17 24.23
C PRO A 191 -3.01 7.90 23.09
N LEU A 192 -3.80 8.42 22.17
CA LEU A 192 -3.28 9.18 21.04
C LEU A 192 -3.72 10.64 21.15
N GLY A 193 -4.71 10.88 21.99
CA GLY A 193 -5.31 12.20 22.08
C GLY A 193 -6.52 12.24 21.18
N GLY A 194 -7.43 13.19 21.43
CA GLY A 194 -8.62 13.31 20.63
C GLY A 194 -9.55 12.12 20.77
N GLY A 195 -9.46 11.43 21.91
CA GLY A 195 -10.32 10.30 22.19
C GLY A 195 -9.96 9.06 21.39
N ARG A 196 -8.68 8.91 21.09
CA ARG A 196 -8.23 7.77 20.31
C ARG A 196 -7.06 7.08 21.00
N GLU A 197 -6.90 5.79 20.72
CA GLU A 197 -5.83 5.00 21.32
C GLU A 197 -5.34 3.91 20.37
N VAL A 198 -4.18 3.36 20.66
CA VAL A 198 -3.62 2.29 19.84
C VAL A 198 -4.16 0.95 20.31
N TRP A 199 -4.82 0.23 19.39
CA TRP A 199 -5.19 -1.14 19.64
C TRP A 199 -4.19 -2.03 18.96
N PHE A 200 -3.84 -3.13 19.61
CA PHE A 200 -2.86 -4.03 19.01
C PHE A 200 -3.57 -5.24 18.45
N GLY A 201 -2.92 -5.95 17.54
CA GLY A 201 -3.54 -7.11 16.94
C GLY A 201 -2.65 -7.84 15.96
N PHE A 202 -3.28 -8.62 15.08
CA PHE A 202 -2.51 -9.45 14.17
C PHE A 202 -3.25 -9.77 12.88
N HIS A 203 -2.50 -9.80 11.79
CA HIS A 203 -2.96 -10.38 10.54
C HIS A 203 -2.83 -11.90 10.60
N GLN A 204 -3.88 -12.57 10.13
CA GLN A 204 -3.93 -14.02 10.01
C GLN A 204 -4.45 -14.43 8.65
N SER A 205 -3.72 -15.29 7.95
CA SER A 205 -4.19 -15.84 6.69
C SER A 205 -3.75 -17.28 6.48
N VAL A 206 -4.53 -18.03 5.72
CA VAL A 206 -4.22 -19.42 5.43
C VAL A 206 -3.70 -19.54 4.00
N ARG A 207 -2.49 -20.07 3.86
CA ARG A 207 -1.80 -20.08 2.57
C ARG A 207 -1.22 -21.46 2.25
N PRO A 208 -1.36 -21.88 0.98
CA PRO A 208 -0.77 -23.14 0.53
C PRO A 208 0.73 -22.98 0.26
N SER A 209 1.50 -24.02 0.54
CA SER A 209 2.95 -23.96 0.33
C SER A 209 3.49 -25.22 -0.33
N LEU A 210 4.76 -25.18 -0.71
CA LEU A 210 5.45 -26.35 -1.24
C LEU A 210 5.52 -27.35 -0.12
N TRP A 211 5.58 -26.86 1.10
CA TRP A 211 5.73 -27.76 2.23
C TRP A 211 4.42 -28.29 2.81
N LYS A 212 3.67 -27.41 3.46
CA LYS A 212 2.38 -27.78 4.02
C LYS A 212 1.43 -26.61 3.85
N MET A 213 0.28 -26.69 4.52
CA MET A 213 -0.55 -25.51 4.68
C MET A 213 0.11 -24.67 5.76
N MET A 214 0.12 -23.36 5.55
CA MET A 214 0.80 -22.43 6.44
C MET A 214 -0.14 -21.37 6.97
N LEU A 215 -0.01 -21.06 8.25
CA LEU A 215 -0.72 -19.95 8.85
C LEU A 215 0.22 -18.75 8.90
N ASN A 216 -0.06 -17.77 8.05
CA ASN A 216 0.69 -16.53 8.03
C ASN A 216 0.15 -15.61 9.12
N ILE A 217 1.00 -15.32 10.10
CA ILE A 217 0.66 -14.51 11.25
C ILE A 217 1.65 -13.35 11.39
N ASP A 218 1.14 -12.13 11.41
CA ASP A 218 2.01 -10.97 11.65
C ASP A 218 1.37 -10.05 12.66
N VAL A 219 2.17 -9.29 13.41
CA VAL A 219 1.60 -8.35 14.37
C VAL A 219 1.37 -6.99 13.72
N SER A 220 0.33 -6.29 14.16
CA SER A 220 0.06 -4.94 13.67
C SER A 220 -0.66 -4.12 14.72
N ALA A 221 -0.76 -2.82 14.50
CA ALA A 221 -1.46 -1.94 15.42
C ALA A 221 -2.20 -0.87 14.66
N THR A 222 -3.33 -0.42 15.21
CA THR A 222 -4.08 0.65 14.54
C THR A 222 -4.89 1.50 15.50
N ALA A 223 -5.31 2.68 15.02
CA ALA A 223 -6.05 3.62 15.86
C ALA A 223 -7.51 3.21 16.04
N PHE A 224 -7.96 3.21 17.29
CA PHE A 224 -9.35 2.94 17.61
C PHE A 224 -9.88 4.06 18.49
N TYR A 225 -11.19 4.27 18.46
CA TYR A 225 -11.81 5.26 19.34
C TYR A 225 -11.98 4.69 20.74
N LYS A 226 -11.57 5.46 21.76
CA LYS A 226 -11.77 5.08 23.15
C LYS A 226 -13.25 4.87 23.45
N ALA A 227 -13.55 3.82 24.21
CA ALA A 227 -14.91 3.61 24.70
C ALA A 227 -15.13 4.41 25.97
N GLN A 228 -15.15 5.72 25.84
CA GLN A 228 -15.28 6.62 26.97
C GLN A 228 -16.64 7.32 26.91
N PRO A 229 -17.04 7.97 28.02
CA PRO A 229 -18.25 8.80 27.96
C PRO A 229 -18.09 9.89 26.91
N VAL A 230 -19.18 10.27 26.25
CA VAL A 230 -19.14 11.30 25.22
C VAL A 230 -18.65 12.63 25.80
N ILE A 231 -18.89 12.85 27.10
CA ILE A 231 -18.42 14.05 27.77
C ILE A 231 -16.90 14.14 27.74
N GLU A 232 -16.24 13.03 28.09
CA GLU A 232 -14.78 12.98 28.07
C GLU A 232 -14.25 13.04 26.64
N PHE A 233 -15.02 12.52 25.70
CA PHE A 233 -14.68 12.62 24.28
C PHE A 233 -14.67 14.09 23.85
N VAL A 234 -15.69 14.83 24.29
CA VAL A 234 -15.78 16.27 24.05
C VAL A 234 -14.57 16.97 24.66
N CYS A 235 -14.25 16.59 25.90
CA CYS A 235 -13.11 17.19 26.59
C CYS A 235 -11.77 16.95 25.89
N GLU A 236 -11.60 15.75 25.33
CA GLU A 236 -10.37 15.43 24.62
C GLU A 236 -10.29 16.11 23.25
N VAL A 237 -11.43 16.18 22.57
CA VAL A 237 -11.49 16.83 21.27
C VAL A 237 -11.29 18.35 21.39
N LEU A 238 -11.96 18.94 22.38
CA LEU A 238 -11.93 20.39 22.57
C LEU A 238 -10.84 20.83 23.54
N ASP A 239 -10.02 19.88 23.97
CA ASP A 239 -8.89 20.14 24.87
C ASP A 239 -9.29 20.67 26.25
N PHE A 240 -10.34 20.10 26.83
CA PHE A 240 -10.73 20.41 28.20
C PHE A 240 -10.13 19.36 29.15
N LYS A 241 -9.46 19.82 30.20
CA LYS A 241 -9.00 18.91 31.24
C LYS A 241 -10.20 18.44 32.04
N SER A 242 -11.10 19.38 32.31
CA SER A 242 -12.38 19.07 32.93
C SER A 242 -13.49 19.76 32.13
N ILE A 243 -14.68 19.19 32.19
CA ILE A 243 -15.84 19.72 31.46
C ILE A 243 -16.22 21.10 31.98
N GLU A 244 -15.73 21.45 33.17
CA GLU A 244 -16.03 22.73 33.79
C GLU A 244 -15.23 23.89 33.22
N GLU A 245 -14.19 23.58 32.44
CA GLU A 245 -13.42 24.61 31.74
C GLU A 245 -14.34 25.36 30.79
N GLN A 246 -15.33 24.65 30.26
CA GLN A 246 -16.36 25.26 29.43
C GLN A 246 -17.70 25.26 30.17
N GLN A 247 -18.04 26.38 30.78
CA GLN A 247 -19.33 26.50 31.48
C GLN A 247 -20.31 27.27 30.61
N LYS A 248 -19.82 27.78 29.48
CA LYS A 248 -20.68 28.40 28.46
C LYS A 248 -21.21 27.31 27.52
N PRO A 249 -22.18 27.65 26.64
CA PRO A 249 -22.77 26.64 25.76
C PRO A 249 -21.92 26.15 24.57
N LEU A 250 -20.66 26.56 24.46
CA LEU A 250 -19.73 26.28 23.34
C LEU A 250 -19.81 27.29 22.20
N THR A 251 -18.63 27.76 21.76
CA THR A 251 -18.53 28.58 20.56
C THR A 251 -18.90 27.74 19.34
N ASP A 252 -19.33 28.40 18.26
CA ASP A 252 -19.68 27.68 17.03
C ASP A 252 -18.48 26.91 16.50
N SER A 253 -17.30 27.48 16.70
CA SER A 253 -16.05 26.82 16.32
C SER A 253 -15.91 25.50 17.05
N GLN A 254 -16.20 25.50 18.35
CA GLN A 254 -16.12 24.30 19.17
C GLN A 254 -17.18 23.27 18.78
N ARG A 255 -18.41 23.74 18.56
CA ARG A 255 -19.50 22.85 18.20
C ARG A 255 -19.25 22.17 16.86
N VAL A 256 -18.70 22.93 15.91
CA VAL A 256 -18.37 22.37 14.61
C VAL A 256 -17.19 21.40 14.71
N LYS A 257 -16.15 21.81 15.42
CA LYS A 257 -14.98 20.96 15.64
C LYS A 257 -15.38 19.61 16.25
N PHE A 258 -16.30 19.65 17.20
CA PHE A 258 -16.78 18.43 17.84
C PHE A 258 -17.69 17.61 16.91
N THR A 259 -18.57 18.31 16.19
CA THR A 259 -19.49 17.67 15.26
C THR A 259 -18.72 16.87 14.21
N LYS A 260 -17.65 17.45 13.69
CA LYS A 260 -16.85 16.77 12.68
C LYS A 260 -16.15 15.53 13.22
N GLU A 261 -15.97 15.49 14.55
CA GLU A 261 -15.29 14.37 15.18
C GLU A 261 -16.23 13.21 15.53
N ILE A 262 -17.39 13.53 16.10
CA ILE A 262 -18.29 12.46 16.56
C ILE A 262 -19.28 11.97 15.49
N LYS A 263 -19.50 12.76 14.45
CA LYS A 263 -20.43 12.38 13.40
C LYS A 263 -20.02 11.09 12.70
N GLY A 264 -20.93 10.13 12.68
CA GLY A 264 -20.67 8.85 12.04
C GLY A 264 -20.28 7.76 13.02
N LEU A 265 -19.88 8.16 14.22
CA LEU A 265 -19.51 7.21 15.26
C LEU A 265 -20.74 6.63 15.95
N LYS A 266 -20.55 5.51 16.65
CA LYS A 266 -21.65 4.87 17.35
C LYS A 266 -21.58 5.09 18.86
N VAL A 267 -22.73 5.43 19.44
CA VAL A 267 -22.87 5.63 20.87
C VAL A 267 -23.96 4.72 21.44
N GLU A 268 -23.99 4.61 22.76
CA GLU A 268 -24.95 3.76 23.45
C GLU A 268 -25.41 4.39 24.76
N ILE A 269 -26.52 3.89 25.31
CA ILE A 269 -27.05 4.39 26.58
C ILE A 269 -27.07 3.32 27.66
N LYS A 276 -27.22 -0.70 25.90
CA LYS A 276 -28.52 -1.32 25.68
C LYS A 276 -29.03 -1.03 24.27
N ARG A 277 -28.91 0.23 23.85
CA ARG A 277 -29.38 0.64 22.53
C ARG A 277 -28.24 1.28 21.73
N LYS A 278 -28.00 0.75 20.54
CA LYS A 278 -26.91 1.23 19.69
C LYS A 278 -27.39 2.29 18.70
N TYR A 279 -26.63 3.38 18.58
CA TYR A 279 -27.03 4.49 17.72
C TYR A 279 -25.85 5.05 16.94
N ARG A 280 -26.04 5.36 15.66
CA ARG A 280 -25.00 6.06 14.93
C ARG A 280 -25.29 7.56 14.93
N VAL A 281 -24.30 8.36 15.31
CA VAL A 281 -24.45 9.80 15.41
C VAL A 281 -24.47 10.46 14.03
N CYS A 282 -25.61 11.06 13.68
CA CYS A 282 -25.73 11.71 12.39
C CYS A 282 -25.53 13.22 12.48
N ASN A 283 -25.76 13.80 13.66
CA ASN A 283 -25.49 15.22 13.84
C ASN A 283 -25.31 15.67 15.29
N VAL A 284 -25.02 16.95 15.47
CA VAL A 284 -24.99 17.58 16.79
C VAL A 284 -25.86 18.83 16.73
N THR A 285 -26.90 18.86 17.57
CA THR A 285 -27.85 19.96 17.58
C THR A 285 -27.15 21.29 17.85
N ARG A 286 -27.73 22.37 17.32
CA ARG A 286 -27.21 23.70 17.52
C ARG A 286 -27.56 24.20 18.92
N ARG A 287 -28.81 23.98 19.32
CA ARG A 287 -29.30 24.44 20.61
C ARG A 287 -28.90 23.48 21.73
N PRO A 288 -28.63 24.02 22.93
CA PRO A 288 -28.32 23.20 24.11
C PRO A 288 -29.51 22.32 24.49
N ALA A 289 -29.26 21.28 25.28
CA ALA A 289 -30.30 20.34 25.69
C ALA A 289 -31.47 21.04 26.38
N SER A 290 -31.17 22.10 27.12
CA SER A 290 -32.19 22.87 27.81
C SER A 290 -33.07 23.63 26.81
N HIS A 291 -32.48 24.08 25.71
CA HIS A 291 -33.18 24.88 24.72
C HIS A 291 -33.69 24.05 23.53
N GLN A 292 -32.97 22.99 23.17
CA GLN A 292 -33.32 22.16 22.02
C GLN A 292 -34.66 21.45 22.22
N THR A 293 -35.55 21.60 21.25
CA THR A 293 -36.90 21.05 21.36
C THR A 293 -37.23 20.03 20.28
N PHE A 294 -38.34 19.32 20.48
CA PHE A 294 -38.86 18.37 19.50
C PHE A 294 -40.35 18.21 19.74
N PRO A 295 -41.11 17.82 18.70
CA PRO A 295 -42.56 17.66 18.87
C PRO A 295 -42.98 16.32 19.45
N LEU A 296 -43.68 16.36 20.59
CA LEU A 296 -44.23 15.14 21.20
C LEU A 296 -45.75 15.21 21.25
N VAL A 304 -47.06 18.53 19.79
CA VAL A 304 -46.70 19.72 20.55
C VAL A 304 -45.24 19.66 20.99
N GLU A 305 -44.53 20.77 20.83
CA GLU A 305 -43.09 20.84 21.13
C GLU A 305 -42.74 20.58 22.59
N CYS A 306 -41.57 19.97 22.79
CA CYS A 306 -41.02 19.71 24.11
C CYS A 306 -39.50 19.66 24.02
N THR A 307 -38.82 20.18 25.03
CA THR A 307 -37.36 20.17 25.03
C THR A 307 -36.81 18.80 25.39
N VAL A 308 -35.48 18.65 25.30
CA VAL A 308 -34.83 17.38 25.59
C VAL A 308 -34.61 17.23 27.10
N ALA A 309 -34.05 18.28 27.73
CA ALA A 309 -33.81 18.28 29.17
C ALA A 309 -35.10 17.95 29.93
N GLN A 310 -36.16 18.64 29.54
CA GLN A 310 -37.47 18.44 30.14
C GLN A 310 -37.99 17.02 29.89
N TYR A 311 -37.77 16.51 28.69
CA TYR A 311 -38.21 15.16 28.36
C TYR A 311 -37.52 14.13 29.25
N PHE A 312 -36.24 14.37 29.53
CA PHE A 312 -35.49 13.47 30.40
C PHE A 312 -35.83 13.70 31.87
N LYS A 313 -36.43 14.85 32.17
CA LYS A 313 -37.00 15.03 33.51
C LYS A 313 -38.29 14.22 33.66
N ASP A 314 -39.20 14.37 32.71
CA ASP A 314 -40.53 13.79 32.82
C ASP A 314 -40.60 12.29 32.57
N ARG A 315 -39.79 11.81 31.62
CA ARG A 315 -39.87 10.40 31.22
C ARG A 315 -38.85 9.53 31.94
N HIS A 316 -37.65 10.07 32.18
CA HIS A 316 -36.56 9.27 32.73
C HIS A 316 -36.08 9.70 34.12
N LYS A 317 -36.82 10.61 34.75
CA LYS A 317 -36.48 11.12 36.08
C LYS A 317 -35.04 11.64 36.16
N LEU A 318 -34.55 12.17 35.05
CA LEU A 318 -33.14 12.53 34.95
C LEU A 318 -32.92 14.03 34.84
N VAL A 319 -32.13 14.58 35.77
CA VAL A 319 -31.75 15.99 35.70
C VAL A 319 -30.37 16.11 35.04
N LEU A 320 -30.28 16.98 34.05
CA LEU A 320 -29.04 17.12 33.29
C LEU A 320 -28.06 18.05 34.00
N ARG A 321 -26.87 17.51 34.28
CA ARG A 321 -25.83 18.25 34.98
C ARG A 321 -25.12 19.21 34.03
N TYR A 322 -25.20 18.94 32.73
CA TYR A 322 -24.62 19.82 31.72
C TYR A 322 -25.62 20.17 30.63
N PRO A 323 -26.66 20.95 30.97
CA PRO A 323 -27.70 21.29 30.00
C PRO A 323 -27.24 22.36 29.02
N HIS A 324 -26.16 23.06 29.34
CA HIS A 324 -25.62 24.10 28.48
C HIS A 324 -24.97 23.51 27.22
N LEU A 325 -24.67 22.22 27.26
CA LEU A 325 -24.07 21.52 26.13
C LEU A 325 -25.13 21.00 25.15
N PRO A 326 -24.76 20.86 23.87
CA PRO A 326 -25.69 20.40 22.83
C PRO A 326 -26.02 18.90 22.90
N CYS A 327 -26.88 18.45 21.99
CA CYS A 327 -27.27 17.04 21.94
C CYS A 327 -26.76 16.35 20.68
N LEU A 328 -26.87 15.04 20.66
CA LEU A 328 -26.51 14.25 19.49
C LEU A 328 -27.77 13.78 18.77
N GLN A 329 -27.86 14.14 17.49
CA GLN A 329 -28.91 13.59 16.65
C GLN A 329 -28.44 12.23 16.14
N VAL A 330 -29.21 11.20 16.44
CA VAL A 330 -28.84 9.83 16.13
C VAL A 330 -29.89 9.18 15.23
N GLY A 331 -29.51 8.06 14.61
CA GLY A 331 -30.41 7.34 13.73
C GLY A 331 -30.69 8.09 12.43
N GLN A 332 -31.92 7.96 11.94
CA GLN A 332 -32.33 8.64 10.72
C GLN A 332 -32.30 10.16 10.90
N GLU A 333 -31.64 10.86 9.97
CA GLU A 333 -31.49 12.30 10.06
C GLU A 333 -32.78 13.04 9.69
N GLN A 334 -33.74 12.30 9.15
CA GLN A 334 -35.07 12.84 8.88
C GLN A 334 -35.94 12.82 10.14
N LYS A 335 -35.50 12.05 11.14
CA LYS A 335 -36.21 11.99 12.41
C LYS A 335 -35.71 13.07 13.36
N HIS A 336 -36.28 13.12 14.56
CA HIS A 336 -35.88 14.12 15.54
C HIS A 336 -35.47 13.50 16.88
N THR A 337 -34.65 12.45 16.81
CA THR A 337 -34.17 11.77 17.99
C THR A 337 -32.88 12.42 18.52
N TYR A 338 -32.98 13.12 19.64
CA TYR A 338 -31.84 13.84 20.20
C TYR A 338 -31.48 13.27 21.57
N LEU A 339 -30.21 12.97 21.78
CA LEU A 339 -29.74 12.39 23.03
C LEU A 339 -28.70 13.29 23.71
N PRO A 340 -28.86 13.51 25.02
CA PRO A 340 -27.88 14.30 25.78
C PRO A 340 -26.51 13.63 25.76
N LEU A 341 -25.44 14.41 25.87
CA LEU A 341 -24.09 13.87 25.86
C LEU A 341 -23.82 12.99 27.08
N GLU A 342 -24.44 13.34 28.20
CA GLU A 342 -24.18 12.67 29.47
C GLU A 342 -24.61 11.21 29.50
N VAL A 343 -25.66 10.87 28.77
CA VAL A 343 -26.19 9.51 28.78
C VAL A 343 -25.56 8.64 27.70
N CYS A 344 -24.54 9.17 27.02
CA CYS A 344 -23.95 8.48 25.89
C CYS A 344 -22.48 8.13 26.09
N ASN A 345 -22.12 6.92 25.69
CA ASN A 345 -20.72 6.50 25.67
C ASN A 345 -20.35 6.17 24.24
N ILE A 346 -19.10 6.40 23.87
CA ILE A 346 -18.60 5.90 22.59
C ILE A 346 -18.53 4.38 22.69
N VAL A 347 -19.08 3.70 21.69
CA VAL A 347 -19.08 2.24 21.67
C VAL A 347 -17.69 1.69 21.37
N ALA A 348 -17.29 0.66 22.12
CA ALA A 348 -15.98 0.05 21.96
C ALA A 348 -15.86 -0.68 20.62
N GLY A 349 -14.65 -0.69 20.07
CA GLY A 349 -14.36 -1.48 18.89
C GLY A 349 -14.54 -0.76 17.57
N GLN A 350 -14.56 0.57 17.60
CA GLN A 350 -14.68 1.34 16.38
C GLN A 350 -13.31 1.85 15.94
N ARG A 351 -12.85 1.38 14.77
CA ARG A 351 -11.56 1.80 14.25
C ARG A 351 -11.64 3.24 13.76
N CYS A 352 -10.58 3.99 13.98
CA CYS A 352 -10.48 5.35 13.48
C CYS A 352 -10.16 5.35 12.00
N ILE A 353 -11.16 5.67 11.18
CA ILE A 353 -10.98 5.73 9.73
C ILE A 353 -10.38 7.06 9.31
N LYS A 354 -10.76 8.14 9.99
CA LYS A 354 -10.25 9.47 9.72
C LYS A 354 -8.74 9.54 9.89
N LYS A 355 -8.10 10.49 9.21
CA LYS A 355 -6.66 10.65 9.30
C LYS A 355 -6.23 11.00 10.71
N LEU A 356 -5.05 10.53 11.10
CA LEU A 356 -4.47 10.91 12.38
C LEU A 356 -3.72 12.23 12.21
N THR A 357 -3.69 13.02 13.27
CA THR A 357 -2.94 14.27 13.25
C THR A 357 -1.45 13.95 13.28
N ASP A 358 -0.62 14.97 13.10
CA ASP A 358 0.82 14.80 13.09
C ASP A 358 1.33 14.24 14.42
N ASN A 359 0.79 14.77 15.51
CA ASN A 359 1.15 14.31 16.85
C ASN A 359 0.67 12.88 17.12
N GLN A 360 -0.60 12.62 16.82
CA GLN A 360 -1.18 11.28 16.96
C GLN A 360 -0.37 10.27 16.15
N THR A 361 0.08 10.68 14.98
CA THR A 361 0.90 9.84 14.11
C THR A 361 2.26 9.58 14.73
N SER A 362 2.89 10.62 15.26
CA SER A 362 4.19 10.49 15.91
C SER A 362 4.13 9.50 17.08
N THR A 363 3.09 9.66 17.91
CA THR A 363 2.84 8.76 19.04
C THR A 363 2.60 7.34 18.54
N MET A 364 1.82 7.22 17.47
CA MET A 364 1.54 5.92 16.85
C MET A 364 2.82 5.20 16.43
N ILE A 365 3.69 5.93 15.73
CA ILE A 365 4.95 5.36 15.25
C ILE A 365 5.85 4.96 16.41
N ARG A 366 5.92 5.80 17.44
CA ARG A 366 6.72 5.47 18.62
C ARG A 366 6.19 4.22 19.30
N ALA A 367 4.87 4.04 19.28
CA ALA A 367 4.24 2.89 19.93
C ALA A 367 4.54 1.58 19.20
N THR A 368 4.64 1.64 17.87
CA THR A 368 4.71 0.43 17.06
C THR A 368 6.03 0.23 16.35
N ALA A 369 7.06 0.97 16.75
CA ALA A 369 8.38 0.81 16.16
C ALA A 369 9.06 -0.43 16.72
N ARG A 370 9.31 -1.41 15.84
CA ARG A 370 9.97 -2.65 16.24
C ARG A 370 11.12 -2.99 15.30
N SER A 371 12.30 -3.25 15.86
CA SER A 371 13.40 -3.78 15.09
C SER A 371 13.02 -5.18 14.62
N ALA A 372 13.76 -5.72 13.67
CA ALA A 372 13.48 -7.07 13.18
C ALA A 372 13.43 -8.15 14.28
N PRO A 373 14.46 -8.22 15.15
CA PRO A 373 14.38 -9.27 16.18
C PRO A 373 13.22 -9.04 17.14
N ASP A 374 12.95 -7.78 17.48
CA ASP A 374 11.83 -7.45 18.36
C ASP A 374 10.51 -7.92 17.75
N ARG A 375 10.36 -7.73 16.44
CA ARG A 375 9.15 -8.15 15.77
C ARG A 375 9.03 -9.67 15.74
N GLN A 376 10.14 -10.34 15.43
CA GLN A 376 10.19 -11.80 15.44
C GLN A 376 9.72 -12.34 16.79
N GLU A 377 10.25 -11.76 17.86
CA GLU A 377 9.90 -12.17 19.22
C GLU A 377 8.44 -11.86 19.55
N GLU A 378 7.93 -10.72 19.09
CA GLU A 378 6.52 -10.38 19.33
C GLU A 378 5.57 -11.34 18.61
N ILE A 379 5.93 -11.74 17.40
CA ILE A 379 5.15 -12.71 16.65
C ILE A 379 5.17 -14.06 17.34
N SER A 380 6.35 -14.47 17.80
CA SER A 380 6.49 -15.73 18.54
C SER A 380 5.67 -15.73 19.83
N LYS A 381 5.80 -14.65 20.61
CA LYS A 381 5.04 -14.46 21.84
C LYS A 381 3.55 -14.57 21.55
N LEU A 382 3.12 -13.90 20.50
CA LEU A 382 1.72 -13.92 20.09
C LEU A 382 1.26 -15.34 19.80
N MET A 383 2.04 -16.08 19.01
CA MET A 383 1.66 -17.43 18.62
C MET A 383 1.64 -18.41 19.78
N ARG A 384 2.56 -18.26 20.71
CA ARG A 384 2.58 -19.12 21.89
C ARG A 384 1.41 -18.82 22.82
N SER A 385 0.94 -17.58 22.82
CA SER A 385 -0.18 -17.19 23.66
C SER A 385 -1.50 -17.22 22.89
N ALA A 386 -1.42 -17.58 21.63
CA ALA A 386 -2.59 -17.59 20.75
C ALA A 386 -3.57 -18.70 21.11
N ASP A 387 -3.02 -19.87 21.42
CA ASP A 387 -3.81 -21.06 21.71
C ASP A 387 -4.75 -21.42 20.56
N PHE A 388 -4.17 -21.63 19.38
CA PHE A 388 -4.96 -22.01 18.21
C PHE A 388 -5.46 -23.44 18.31
N ASN A 389 -4.68 -24.29 18.98
CA ASN A 389 -5.01 -25.71 19.07
C ASN A 389 -6.03 -26.04 20.15
N THR A 390 -6.37 -25.05 20.97
CA THR A 390 -7.39 -25.22 21.99
C THR A 390 -8.69 -24.56 21.54
N ASP A 391 -8.62 -23.89 20.40
CA ASP A 391 -9.80 -23.32 19.75
C ASP A 391 -10.77 -24.46 19.45
N PRO A 392 -11.97 -24.40 20.05
CA PRO A 392 -12.99 -25.45 19.91
C PRO A 392 -13.39 -25.72 18.47
N TYR A 393 -13.42 -24.67 17.65
CA TYR A 393 -13.77 -24.80 16.24
C TYR A 393 -12.61 -25.36 15.42
N VAL A 394 -11.39 -24.96 15.76
CA VAL A 394 -10.21 -25.55 15.16
C VAL A 394 -10.14 -27.02 15.57
N ARG A 395 -10.56 -27.31 16.79
CA ARG A 395 -10.61 -28.68 17.30
C ARG A 395 -11.62 -29.55 16.56
N GLU A 396 -12.79 -28.98 16.30
CA GLU A 396 -13.87 -29.69 15.62
C GLU A 396 -13.45 -30.18 14.24
N PHE A 397 -12.57 -29.42 13.59
CA PHE A 397 -12.12 -29.76 12.24
C PHE A 397 -10.76 -30.46 12.25
N GLY A 398 -10.32 -30.89 13.43
CA GLY A 398 -9.14 -31.72 13.58
C GLY A 398 -7.84 -31.09 13.09
N ILE A 399 -7.75 -29.76 13.21
CA ILE A 399 -6.59 -29.03 12.72
C ILE A 399 -5.59 -28.77 13.84
N MET A 400 -4.30 -28.94 13.53
CA MET A 400 -3.24 -28.60 14.46
C MET A 400 -2.33 -27.53 13.87
N VAL A 401 -1.93 -26.56 14.70
CA VAL A 401 -1.06 -25.49 14.25
C VAL A 401 0.26 -25.46 15.03
N LYS A 402 1.37 -25.47 14.30
CA LYS A 402 2.69 -25.47 14.91
C LYS A 402 3.00 -24.10 15.51
N ASP A 403 3.48 -24.08 16.75
CA ASP A 403 3.68 -22.83 17.48
C ASP A 403 5.04 -22.17 17.21
N GLU A 404 5.82 -22.76 16.31
CA GLU A 404 7.13 -22.22 15.98
C GLU A 404 7.20 -21.74 14.54
N MET A 405 7.99 -20.70 14.31
CA MET A 405 8.17 -20.14 12.98
C MET A 405 8.80 -21.17 12.05
N THR A 406 8.45 -21.11 10.77
CA THR A 406 9.00 -22.10 9.83
C THR A 406 10.46 -21.78 9.49
N ASP A 407 11.32 -22.78 9.50
CA ASP A 407 12.69 -22.58 9.08
C ASP A 407 12.78 -22.66 7.56
N VAL A 408 13.43 -21.67 6.95
CA VAL A 408 13.57 -21.64 5.51
C VAL A 408 15.01 -21.35 5.16
N THR A 409 15.50 -21.94 4.08
CA THR A 409 16.83 -21.58 3.59
C THR A 409 16.74 -20.59 2.43
N GLY A 410 17.32 -19.41 2.63
CA GLY A 410 17.41 -18.44 1.58
C GLY A 410 18.76 -18.50 0.88
N ARG A 411 18.92 -17.73 -0.18
CA ARG A 411 20.20 -17.56 -0.83
C ARG A 411 20.46 -16.08 -1.04
N VAL A 412 21.62 -15.60 -0.59
CA VAL A 412 21.96 -14.19 -0.78
C VAL A 412 22.67 -13.99 -2.11
N LEU A 413 21.96 -13.44 -3.09
CA LEU A 413 22.51 -13.20 -4.42
C LEU A 413 23.61 -12.15 -4.39
N GLN A 414 24.59 -12.34 -5.27
CA GLN A 414 25.68 -11.39 -5.43
C GLN A 414 25.18 -10.14 -6.15
N PRO A 415 25.51 -8.96 -5.61
CA PRO A 415 25.08 -7.72 -6.28
C PRO A 415 25.85 -7.53 -7.58
N PRO A 416 25.24 -6.84 -8.55
CA PRO A 416 25.94 -6.54 -9.80
C PRO A 416 26.96 -5.45 -9.57
N SER A 417 28.00 -5.40 -10.41
CA SER A 417 28.94 -4.28 -10.38
C SER A 417 28.31 -3.11 -11.13
N ILE A 418 28.48 -1.91 -10.59
CA ILE A 418 27.90 -0.73 -11.22
C ILE A 418 28.98 0.06 -11.96
N LEU A 419 28.82 0.17 -13.27
CA LEU A 419 29.83 0.82 -14.09
C LEU A 419 29.54 2.30 -14.27
N TYR A 420 30.57 3.12 -14.03
CA TYR A 420 30.46 4.56 -14.20
C TYR A 420 31.23 5.04 -15.43
N GLY A 421 31.36 6.35 -15.58
CA GLY A 421 32.01 6.91 -16.74
C GLY A 421 33.14 7.88 -16.41
N GLY A 422 33.12 9.04 -17.05
CA GLY A 422 34.16 10.03 -16.86
C GLY A 422 35.47 9.57 -17.47
N ARG A 423 36.58 9.94 -16.84
CA ARG A 423 37.88 9.56 -17.35
C ARG A 423 38.46 8.34 -16.64
N ASN A 424 38.10 8.16 -15.37
CA ASN A 424 38.60 7.02 -14.60
C ASN A 424 37.76 5.75 -14.75
N LYS A 425 36.55 5.91 -15.27
CA LYS A 425 35.66 4.77 -15.57
C LYS A 425 35.48 3.82 -14.37
N ALA A 426 35.29 4.38 -13.19
CA ALA A 426 35.25 3.61 -11.96
C ALA A 426 34.16 2.52 -11.94
N ILE A 427 34.41 1.45 -11.21
CA ILE A 427 33.41 0.43 -10.96
C ILE A 427 33.07 0.41 -9.47
N ALA A 428 31.79 0.54 -9.17
CA ALA A 428 31.33 0.51 -7.78
C ALA A 428 30.83 -0.89 -7.43
N THR A 429 31.16 -1.34 -6.24
CA THR A 429 30.72 -2.64 -5.76
C THR A 429 29.79 -2.48 -4.58
N PRO A 430 28.48 -2.71 -4.80
CA PRO A 430 27.48 -2.56 -3.74
C PRO A 430 27.79 -3.49 -2.57
N VAL A 431 27.87 -2.92 -1.37
CA VAL A 431 28.07 -3.72 -0.17
C VAL A 431 26.87 -3.55 0.76
N GLN A 432 26.18 -4.66 1.01
CA GLN A 432 24.94 -4.65 1.78
C GLN A 432 23.92 -3.69 1.21
N GLY A 433 23.78 -3.71 -0.12
CA GLY A 433 22.77 -2.93 -0.81
C GLY A 433 23.04 -1.44 -0.92
N VAL A 434 24.27 -1.04 -0.62
CA VAL A 434 24.64 0.37 -0.66
C VAL A 434 25.97 0.59 -1.38
N TRP A 435 26.06 1.68 -2.14
CA TRP A 435 27.36 2.18 -2.62
C TRP A 435 27.30 3.70 -2.69
N ASP A 436 28.37 4.33 -3.17
CA ASP A 436 28.41 5.79 -3.25
C ASP A 436 29.15 6.31 -4.48
N MET A 437 29.05 7.61 -4.72
CA MET A 437 29.59 8.21 -5.93
C MET A 437 30.88 8.98 -5.69
N ARG A 438 31.49 8.79 -4.53
CA ARG A 438 32.76 9.44 -4.25
C ARG A 438 33.83 8.95 -5.22
N ASN A 439 34.55 9.90 -5.81
CA ASN A 439 35.53 9.62 -6.86
C ASN A 439 34.96 8.89 -8.07
N LYS A 440 33.73 9.24 -8.44
CA LYS A 440 33.07 8.62 -9.58
C LYS A 440 32.36 9.64 -10.44
N GLN A 441 32.31 9.38 -11.74
CA GLN A 441 31.67 10.28 -12.68
C GLN A 441 30.53 9.55 -13.40
N PHE A 442 29.50 10.29 -13.78
CA PHE A 442 28.37 9.71 -14.49
C PHE A 442 28.83 9.03 -15.78
N HIS A 443 28.17 7.93 -16.13
CA HIS A 443 28.44 7.23 -17.38
C HIS A 443 28.34 8.21 -18.54
N THR A 444 27.24 8.95 -18.57
CA THR A 444 27.07 10.04 -19.52
C THR A 444 26.59 11.27 -18.78
N GLY A 445 27.50 12.21 -18.53
CA GLY A 445 27.18 13.41 -17.80
C GLY A 445 26.79 14.57 -18.70
N ILE A 446 25.74 15.29 -18.32
CA ILE A 446 25.27 16.41 -19.12
C ILE A 446 26.06 17.68 -18.79
N GLU A 447 26.57 18.34 -19.82
CA GLU A 447 27.19 19.64 -19.63
C GLU A 447 26.11 20.72 -19.54
N ILE A 448 26.04 21.39 -18.41
CA ILE A 448 25.00 22.40 -18.19
C ILE A 448 25.51 23.80 -18.45
N LYS A 449 24.99 24.42 -19.50
CA LYS A 449 25.43 25.75 -19.92
C LYS A 449 24.39 26.83 -19.62
N VAL A 450 23.13 26.52 -19.84
CA VAL A 450 22.07 27.50 -19.65
C VAL A 450 21.03 27.04 -18.63
N TRP A 451 21.01 27.70 -17.46
CA TRP A 451 20.05 27.37 -16.42
C TRP A 451 19.63 28.60 -15.65
N ALA A 452 18.50 28.51 -14.94
CA ALA A 452 17.99 29.64 -14.18
C ALA A 452 17.62 29.26 -12.75
N ILE A 453 17.47 30.25 -11.90
CA ILE A 453 17.01 30.04 -10.53
C ILE A 453 15.76 30.88 -10.25
N ALA A 454 14.71 30.22 -9.80
CA ALA A 454 13.49 30.90 -9.40
C ALA A 454 13.23 30.62 -7.93
N CYS A 455 13.37 31.63 -7.10
CA CYS A 455 13.21 31.44 -5.66
C CYS A 455 11.86 31.97 -5.17
N PHE A 456 10.99 31.04 -4.76
CA PHE A 456 9.68 31.39 -4.26
C PHE A 456 9.70 31.51 -2.75
N ALA A 457 10.89 31.33 -2.18
CA ALA A 457 11.12 31.53 -0.76
C ALA A 457 11.32 33.01 -0.51
N PRO A 458 10.87 33.50 0.66
CA PRO A 458 11.07 34.90 1.03
C PRO A 458 12.55 35.25 1.05
N GLN A 459 12.91 36.42 0.51
CA GLN A 459 14.30 36.84 0.45
C GLN A 459 14.92 36.99 1.84
N ARG A 460 14.14 37.47 2.79
CA ARG A 460 14.61 37.67 4.16
C ARG A 460 15.01 36.36 4.84
N GLN A 461 14.49 35.25 4.32
CA GLN A 461 14.80 33.93 4.87
C GLN A 461 15.84 33.21 4.01
N CYS A 462 15.66 33.28 2.70
CA CYS A 462 16.60 32.68 1.75
C CYS A 462 17.28 33.79 0.95
N THR A 463 18.39 34.29 1.48
CA THR A 463 19.06 35.45 0.92
C THR A 463 19.85 35.14 -0.35
N GLU A 464 20.36 36.18 -1.00
CA GLU A 464 21.19 36.03 -2.20
C GLU A 464 22.51 35.36 -1.85
N VAL A 465 22.97 35.55 -0.62
CA VAL A 465 24.17 34.90 -0.14
C VAL A 465 23.97 33.39 -0.08
N HIS A 466 22.83 32.99 0.48
CA HIS A 466 22.44 31.58 0.54
C HIS A 466 22.42 30.96 -0.85
N LEU A 467 21.79 31.65 -1.79
CA LEU A 467 21.68 31.17 -3.16
C LEU A 467 23.05 31.06 -3.84
N LYS A 468 23.91 32.05 -3.58
CA LYS A 468 25.24 32.06 -4.17
C LYS A 468 26.09 30.91 -3.64
N SER A 469 26.07 30.74 -2.33
CA SER A 469 26.82 29.68 -1.66
C SER A 469 26.32 28.32 -2.13
N PHE A 470 25.01 28.20 -2.25
CA PHE A 470 24.37 27.00 -2.74
C PHE A 470 24.83 26.69 -4.15
N THR A 471 24.90 27.73 -4.99
CA THR A 471 25.34 27.57 -6.36
C THR A 471 26.80 27.11 -6.42
N GLU A 472 27.65 27.69 -5.59
CA GLU A 472 29.06 27.31 -5.53
C GLU A 472 29.22 25.84 -5.14
N GLN A 473 28.59 25.46 -4.03
CA GLN A 473 28.65 24.08 -3.55
C GLN A 473 28.12 23.09 -4.59
N LEU A 474 26.95 23.41 -5.14
CA LEU A 474 26.33 22.56 -6.15
C LEU A 474 27.21 22.41 -7.39
N ARG A 475 27.87 23.49 -7.79
CA ARG A 475 28.75 23.42 -8.96
C ARG A 475 30.00 22.59 -8.66
N LYS A 476 30.48 22.65 -7.41
CA LYS A 476 31.61 21.83 -6.99
C LYS A 476 31.26 20.35 -7.07
N ILE A 477 30.17 19.97 -6.40
CA ILE A 477 29.68 18.59 -6.43
C ILE A 477 29.37 18.11 -7.85
N SER A 478 28.75 18.97 -8.65
CA SER A 478 28.38 18.66 -10.02
C SER A 478 29.60 18.38 -10.87
N ARG A 479 30.65 19.17 -10.65
CA ARG A 479 31.90 18.97 -11.37
C ARG A 479 32.53 17.65 -10.95
N ASP A 480 32.48 17.35 -9.65
CA ASP A 480 33.01 16.07 -9.17
C ASP A 480 32.28 14.87 -9.79
N ALA A 481 30.99 15.03 -10.06
CA ALA A 481 30.16 13.94 -10.57
C ALA A 481 30.23 13.80 -12.09
N GLY A 482 30.89 14.73 -12.75
CA GLY A 482 31.01 14.69 -14.20
C GLY A 482 29.85 15.35 -14.90
N MET A 483 29.12 16.18 -14.16
CA MET A 483 28.01 16.95 -14.72
C MET A 483 28.30 18.44 -14.51
N PRO A 484 29.29 18.96 -15.25
CA PRO A 484 29.78 20.32 -14.99
C PRO A 484 28.73 21.40 -15.25
N ILE A 485 28.42 22.17 -14.22
CA ILE A 485 27.59 23.36 -14.37
C ILE A 485 28.55 24.51 -14.63
N GLN A 486 28.76 24.81 -15.91
CA GLN A 486 29.92 25.61 -16.34
C GLN A 486 29.95 27.05 -15.85
N GLY A 487 28.80 27.59 -15.47
CA GLY A 487 28.76 28.97 -15.04
C GLY A 487 27.64 29.31 -14.07
N GLN A 488 27.39 30.60 -13.93
CA GLN A 488 26.32 31.10 -13.08
C GLN A 488 25.00 31.02 -13.85
N PRO A 489 23.87 31.01 -13.12
CA PRO A 489 22.59 30.99 -13.84
C PRO A 489 22.35 32.29 -14.59
N CYS A 490 21.82 32.19 -15.80
CA CYS A 490 21.54 33.36 -16.62
C CYS A 490 20.39 34.18 -16.06
N PHE A 491 19.58 33.56 -15.21
CA PHE A 491 18.42 34.19 -14.63
C PHE A 491 18.29 33.77 -13.17
N CYS A 492 18.16 34.75 -12.27
CA CYS A 492 17.96 34.45 -10.86
C CYS A 492 17.14 35.55 -10.21
N LYS A 493 15.85 35.31 -10.05
CA LYS A 493 14.96 36.29 -9.45
C LYS A 493 14.07 35.66 -8.38
N TYR A 494 13.52 36.50 -7.51
CA TYR A 494 12.56 36.05 -6.52
C TYR A 494 11.15 36.14 -7.09
N ALA A 495 10.25 35.33 -6.53
CA ALA A 495 8.85 35.36 -6.92
C ALA A 495 8.00 34.92 -5.75
N GLN A 496 6.69 35.11 -5.86
CA GLN A 496 5.77 34.73 -4.80
C GLN A 496 4.44 34.25 -5.37
N GLY A 497 3.91 33.17 -4.81
CA GLY A 497 2.62 32.64 -5.18
C GLY A 497 2.63 31.87 -6.49
N ALA A 498 1.63 31.01 -6.65
CA ALA A 498 1.51 30.17 -7.84
C ALA A 498 1.23 30.98 -9.10
N ASP A 499 0.62 32.15 -8.94
CA ASP A 499 0.27 32.99 -10.08
C ASP A 499 1.50 33.42 -10.88
N SER A 500 2.62 33.60 -10.19
CA SER A 500 3.83 34.09 -10.84
C SER A 500 4.56 33.01 -11.65
N VAL A 501 4.19 31.75 -11.45
CA VAL A 501 4.90 30.63 -12.05
C VAL A 501 4.86 30.61 -13.58
N GLU A 502 3.65 30.48 -14.14
CA GLU A 502 3.52 30.40 -15.59
C GLU A 502 4.12 31.59 -16.37
N PRO A 503 3.84 32.84 -15.94
CA PRO A 503 4.42 33.96 -16.71
C PRO A 503 5.95 34.00 -16.61
N MET A 504 6.49 33.65 -15.45
CA MET A 504 7.93 33.59 -15.27
C MET A 504 8.56 32.52 -16.17
N PHE A 505 7.91 31.36 -16.23
CA PHE A 505 8.43 30.26 -17.05
C PHE A 505 8.26 30.52 -18.53
N ARG A 506 7.18 31.20 -18.90
CA ARG A 506 6.96 31.57 -20.30
C ARG A 506 8.02 32.57 -20.75
N HIS A 507 8.37 33.49 -19.86
CA HIS A 507 9.42 34.45 -20.12
C HIS A 507 10.75 33.75 -20.32
N LEU A 508 11.08 32.85 -19.39
CA LEU A 508 12.32 32.09 -19.43
C LEU A 508 12.50 31.35 -20.75
N LYS A 509 11.44 30.69 -21.19
CA LYS A 509 11.49 29.90 -22.43
C LYS A 509 11.63 30.79 -23.65
N ASN A 510 11.07 32.00 -23.57
CA ASN A 510 11.14 32.93 -24.68
C ASN A 510 12.48 33.66 -24.74
N THR A 511 13.09 33.87 -23.58
CA THR A 511 14.25 34.75 -23.47
C THR A 511 15.60 34.05 -23.65
N TYR A 512 15.75 32.88 -23.05
CA TYR A 512 17.05 32.21 -23.01
C TYR A 512 17.12 30.95 -23.87
N ALA A 513 17.75 31.07 -25.03
CA ALA A 513 17.89 29.95 -25.94
C ALA A 513 18.76 28.85 -25.35
N GLY A 514 18.37 27.60 -25.58
CA GLY A 514 19.13 26.46 -25.12
C GLY A 514 19.02 26.24 -23.62
N LEU A 515 17.98 26.81 -23.03
CA LEU A 515 17.73 26.63 -21.60
C LEU A 515 17.57 25.16 -21.26
N GLN A 516 18.30 24.70 -20.25
CA GLN A 516 18.30 23.28 -19.91
C GLN A 516 17.52 22.98 -18.64
N LEU A 517 17.55 23.92 -17.70
CA LEU A 517 17.00 23.65 -16.38
C LEU A 517 16.62 24.91 -15.62
N VAL A 518 15.52 24.82 -14.89
CA VAL A 518 15.16 25.84 -13.91
C VAL A 518 15.17 25.21 -12.52
N VAL A 519 16.01 25.74 -11.65
CA VAL A 519 16.05 25.31 -10.27
C VAL A 519 15.10 26.18 -9.46
N VAL A 520 14.11 25.55 -8.82
CA VAL A 520 13.09 26.29 -8.10
C VAL A 520 13.22 26.10 -6.60
N ILE A 521 13.51 27.18 -5.89
CA ILE A 521 13.66 27.11 -4.44
C ILE A 521 12.31 27.35 -3.77
N LEU A 522 11.91 26.40 -2.93
CA LEU A 522 10.61 26.47 -2.27
C LEU A 522 10.78 26.62 -0.75
N PRO A 523 9.93 27.45 -0.13
CA PRO A 523 10.01 27.72 1.32
C PRO A 523 9.70 26.49 2.17
N GLY A 524 9.00 25.53 1.59
CA GLY A 524 8.59 24.34 2.31
C GLY A 524 7.41 23.75 1.58
N LYS A 525 6.46 23.19 2.32
CA LYS A 525 5.27 22.62 1.70
C LYS A 525 4.40 23.75 1.18
N THR A 526 4.19 23.78 -0.14
CA THR A 526 3.44 24.85 -0.76
C THR A 526 2.76 24.37 -2.05
N PRO A 527 1.60 24.94 -2.37
CA PRO A 527 0.92 24.62 -3.63
C PRO A 527 1.67 25.13 -4.86
N VAL A 528 2.81 25.78 -4.64
CA VAL A 528 3.65 26.24 -5.74
C VAL A 528 4.35 25.06 -6.43
N TYR A 529 4.67 24.01 -5.67
CA TYR A 529 5.32 22.84 -6.24
C TYR A 529 4.48 22.22 -7.37
N ALA A 530 3.22 21.95 -7.06
CA ALA A 530 2.28 21.38 -8.03
C ALA A 530 2.13 22.26 -9.26
N GLU A 531 2.24 23.58 -9.09
CA GLU A 531 2.07 24.51 -10.20
C GLU A 531 3.32 24.56 -11.09
N VAL A 532 4.48 24.59 -10.45
CA VAL A 532 5.75 24.45 -11.15
C VAL A 532 5.77 23.18 -11.98
N LYS A 533 5.24 22.09 -11.42
CA LYS A 533 5.18 20.83 -12.18
C LYS A 533 4.12 20.84 -13.29
N ARG A 534 2.97 21.46 -13.03
CA ARG A 534 1.93 21.57 -14.05
C ARG A 534 2.44 22.34 -15.27
N VAL A 535 2.99 23.52 -15.01
CA VAL A 535 3.53 24.36 -16.07
C VAL A 535 4.71 23.69 -16.76
N GLY A 536 5.71 23.31 -15.97
CA GLY A 536 6.91 22.69 -16.49
C GLY A 536 6.68 21.42 -17.29
N ASP A 537 5.91 20.49 -16.74
CA ASP A 537 5.72 19.19 -17.37
C ASP A 537 4.61 19.16 -18.43
N THR A 538 3.54 19.91 -18.21
CA THR A 538 2.37 19.81 -19.09
C THR A 538 2.07 21.05 -19.93
N VAL A 539 2.53 22.23 -19.50
CA VAL A 539 2.19 23.45 -20.22
C VAL A 539 3.31 23.95 -21.14
N LEU A 540 4.53 23.96 -20.64
CA LEU A 540 5.65 24.52 -21.40
C LEU A 540 6.72 23.52 -21.80
N GLY A 541 6.71 22.35 -21.16
CA GLY A 541 7.68 21.31 -21.45
C GLY A 541 9.10 21.67 -21.05
N MET A 542 9.24 22.13 -19.81
CA MET A 542 10.54 22.60 -19.31
C MET A 542 11.03 21.78 -18.12
N ALA A 543 12.32 21.48 -18.11
CA ALA A 543 12.91 20.73 -17.02
C ALA A 543 13.02 21.60 -15.77
N THR A 544 12.49 21.11 -14.66
CA THR A 544 12.61 21.80 -13.39
C THR A 544 13.23 20.89 -12.34
N GLN A 545 13.88 21.51 -11.37
CA GLN A 545 14.35 20.82 -10.18
C GLN A 545 14.05 21.69 -8.98
N CYS A 546 13.16 21.20 -8.11
CA CYS A 546 12.80 21.97 -6.93
C CYS A 546 13.69 21.60 -5.75
N VAL A 547 13.98 22.58 -4.91
CA VAL A 547 14.77 22.36 -3.71
C VAL A 547 14.15 23.11 -2.55
N GLN A 548 14.04 22.45 -1.39
CA GLN A 548 13.55 23.12 -0.20
C GLN A 548 14.51 24.19 0.27
N MET A 549 13.98 25.23 0.87
CA MET A 549 14.74 26.36 1.37
C MET A 549 15.84 25.92 2.34
N LYS A 550 15.51 24.98 3.22
CA LYS A 550 16.45 24.51 4.24
C LYS A 550 17.64 23.76 3.66
N ASN A 551 17.46 23.21 2.46
CA ASN A 551 18.55 22.50 1.79
C ASN A 551 19.40 23.45 0.96
N VAL A 552 18.96 24.70 0.86
CA VAL A 552 19.72 25.74 0.19
C VAL A 552 20.49 26.53 1.24
N GLN A 553 19.88 26.67 2.41
CA GLN A 553 20.49 27.40 3.52
C GLN A 553 21.61 26.60 4.15
N ARG A 554 21.42 25.29 4.26
CA ARG A 554 22.44 24.42 4.82
C ARG A 554 22.64 23.20 3.92
N THR A 555 23.75 23.18 3.18
CA THR A 555 24.01 22.13 2.21
C THR A 555 24.93 21.05 2.77
N THR A 556 24.74 19.83 2.28
CA THR A 556 25.62 18.71 2.61
C THR A 556 26.04 18.03 1.30
N PRO A 557 27.27 17.49 1.24
CA PRO A 557 27.76 16.80 0.04
C PRO A 557 26.82 15.69 -0.44
N GLN A 558 26.25 14.93 0.49
CA GLN A 558 25.37 13.82 0.14
C GLN A 558 24.09 14.31 -0.53
N THR A 559 23.42 15.28 0.09
CA THR A 559 22.20 15.85 -0.44
C THR A 559 22.41 16.40 -1.85
N LEU A 560 23.45 17.22 -2.00
CA LEU A 560 23.79 17.80 -3.29
C LEU A 560 24.14 16.72 -4.31
N SER A 561 24.71 15.61 -3.83
CA SER A 561 25.05 14.49 -4.70
C SER A 561 23.79 13.86 -5.27
N ASN A 562 22.84 13.50 -4.40
CA ASN A 562 21.58 12.92 -4.84
C ASN A 562 20.82 13.87 -5.78
N LEU A 563 20.87 15.16 -5.42
CA LEU A 563 20.28 16.21 -6.24
C LEU A 563 20.89 16.17 -7.64
N CYS A 564 22.21 16.00 -7.70
CA CYS A 564 22.90 15.92 -8.98
C CYS A 564 22.49 14.67 -9.76
N LEU A 565 22.17 13.61 -9.04
CA LEU A 565 21.64 12.40 -9.69
C LEU A 565 20.36 12.76 -10.44
N LYS A 566 19.41 13.33 -9.70
CA LYS A 566 18.13 13.74 -10.29
C LYS A 566 18.33 14.69 -11.49
N ILE A 567 19.16 15.70 -11.31
CA ILE A 567 19.42 16.69 -12.36
C ILE A 567 20.00 16.04 -13.62
N ASN A 568 20.99 15.18 -13.45
CA ASN A 568 21.62 14.50 -14.58
C ASN A 568 20.61 13.65 -15.32
N VAL A 569 19.75 12.96 -14.57
CA VAL A 569 18.72 12.14 -15.20
C VAL A 569 17.70 12.96 -15.98
N LYS A 570 17.21 14.05 -15.37
CA LYS A 570 16.21 14.90 -16.03
C LYS A 570 16.71 15.51 -17.33
N LEU A 571 18.02 15.77 -17.40
CA LEU A 571 18.62 16.41 -18.57
C LEU A 571 19.04 15.39 -19.64
N GLY A 572 18.65 14.13 -19.45
CA GLY A 572 18.90 13.10 -20.45
C GLY A 572 20.20 12.33 -20.28
N GLY A 573 20.87 12.50 -19.15
CA GLY A 573 22.14 11.84 -18.90
C GLY A 573 21.99 10.41 -18.40
N VAL A 574 23.08 9.66 -18.45
CA VAL A 574 23.11 8.29 -17.95
C VAL A 574 24.00 8.22 -16.71
N ASN A 575 23.39 8.12 -15.54
CA ASN A 575 24.14 8.15 -14.28
C ASN A 575 25.14 7.00 -14.16
N ASN A 576 24.67 5.79 -14.40
CA ASN A 576 25.52 4.60 -14.40
C ASN A 576 24.84 3.45 -15.11
N ILE A 577 25.58 2.40 -15.40
CA ILE A 577 25.00 1.22 -16.02
C ILE A 577 25.45 -0.04 -15.31
N LEU A 578 24.67 -1.10 -15.45
CA LEU A 578 25.08 -2.42 -14.97
C LEU A 578 26.31 -2.83 -15.76
N LEU A 579 27.29 -3.42 -15.07
CA LEU A 579 28.46 -3.98 -15.74
C LEU A 579 27.97 -4.91 -16.84
N PRO A 580 28.25 -4.55 -18.10
CA PRO A 580 27.72 -5.23 -19.29
C PRO A 580 27.95 -6.74 -19.29
N GLN A 581 29.16 -7.18 -18.94
CA GLN A 581 29.49 -8.60 -18.98
C GLN A 581 28.90 -9.36 -17.78
N GLY A 582 28.40 -8.61 -16.80
CA GLY A 582 27.82 -9.22 -15.61
C GLY A 582 26.33 -9.40 -15.69
N ARG A 583 25.73 -9.01 -16.80
CA ARG A 583 24.29 -9.14 -17.01
C ARG A 583 23.91 -10.57 -17.42
N PRO A 584 22.68 -11.00 -17.10
CA PRO A 584 22.19 -12.31 -17.55
C PRO A 584 22.06 -12.37 -19.08
N PRO A 585 21.99 -13.58 -19.65
CA PRO A 585 21.99 -13.73 -21.12
C PRO A 585 20.74 -13.19 -21.81
N VAL A 586 19.75 -12.73 -21.05
CA VAL A 586 18.54 -12.17 -21.63
C VAL A 586 18.87 -10.93 -22.48
N PHE A 587 19.99 -10.29 -22.16
CA PHE A 587 20.40 -9.06 -22.84
C PHE A 587 21.08 -9.30 -24.18
N GLN A 588 21.21 -10.56 -24.58
CA GLN A 588 21.87 -10.90 -25.84
C GLN A 588 20.97 -10.57 -27.02
N GLN A 589 19.67 -10.49 -26.76
CA GLN A 589 18.69 -10.09 -27.78
C GLN A 589 17.97 -8.84 -27.29
N PRO A 590 17.41 -8.06 -28.23
CA PRO A 590 16.63 -6.87 -27.86
C PRO A 590 15.51 -7.21 -26.89
N VAL A 591 15.48 -6.52 -25.75
CA VAL A 591 14.48 -6.77 -24.73
C VAL A 591 14.03 -5.45 -24.11
N ILE A 592 12.73 -5.32 -23.87
CA ILE A 592 12.23 -4.13 -23.21
C ILE A 592 11.69 -4.45 -21.81
N PHE A 593 11.99 -3.57 -20.86
CA PHE A 593 11.49 -3.72 -19.50
C PHE A 593 10.39 -2.69 -19.22
N LEU A 594 9.22 -3.21 -18.88
CA LEU A 594 8.05 -2.40 -18.59
C LEU A 594 7.75 -2.43 -17.10
N GLY A 595 7.35 -1.29 -16.55
CA GLY A 595 6.91 -1.23 -15.17
C GLY A 595 5.50 -0.66 -15.16
N ALA A 596 4.63 -1.22 -14.33
CA ALA A 596 3.24 -0.77 -14.32
C ALA A 596 2.72 -0.65 -12.91
N ASP A 597 1.90 0.38 -12.68
CA ASP A 597 1.27 0.56 -11.38
C ASP A 597 -0.02 1.35 -11.47
N VAL A 598 -1.02 0.95 -10.68
CA VAL A 598 -2.23 1.73 -10.54
C VAL A 598 -2.36 2.24 -9.11
N THR A 599 -2.23 3.56 -8.95
CA THR A 599 -2.41 4.18 -7.65
C THR A 599 -3.87 4.61 -7.49
N HIS A 600 -4.43 4.38 -6.30
CA HIS A 600 -5.85 4.60 -6.08
C HIS A 600 -6.11 5.75 -5.12
N PRO A 601 -7.29 6.40 -5.27
CA PRO A 601 -7.72 7.47 -4.38
C PRO A 601 -7.79 7.01 -2.93
N PRO A 602 -7.51 7.92 -1.97
CA PRO A 602 -7.51 7.60 -0.54
C PRO A 602 -8.83 7.02 -0.05
N ALA A 603 -8.84 6.48 1.17
CA ALA A 603 -10.05 5.91 1.74
C ALA A 603 -11.08 7.00 2.07
N GLY A 604 -12.35 6.62 2.08
CA GLY A 604 -13.42 7.57 2.31
C GLY A 604 -13.58 8.52 1.14
N ASP A 605 -13.51 7.94 -0.06
CA ASP A 605 -13.51 8.72 -1.28
C ASP A 605 -14.40 8.06 -2.32
N GLY A 606 -14.78 8.84 -3.32
CA GLY A 606 -15.31 8.34 -4.58
C GLY A 606 -14.69 9.26 -5.61
N LYS A 607 -15.31 9.38 -6.79
CA LYS A 607 -15.04 10.48 -7.71
C LYS A 607 -13.60 10.63 -8.23
N LYS A 608 -12.62 10.63 -7.33
CA LYS A 608 -11.23 10.74 -7.76
C LYS A 608 -10.94 9.51 -8.60
N PRO A 609 -10.26 9.71 -9.73
CA PRO A 609 -9.96 8.58 -10.60
C PRO A 609 -8.76 7.81 -10.07
N SER A 610 -8.64 6.55 -10.48
CA SER A 610 -7.39 5.82 -10.25
C SER A 610 -6.42 6.21 -11.35
N ILE A 611 -5.13 6.14 -11.06
CA ILE A 611 -4.12 6.52 -12.04
C ILE A 611 -3.26 5.34 -12.45
N ALA A 612 -3.16 5.12 -13.76
CA ALA A 612 -2.36 4.01 -14.28
C ALA A 612 -1.10 4.53 -14.96
N ALA A 613 0.04 3.97 -14.60
CA ALA A 613 1.32 4.41 -15.13
C ALA A 613 2.15 3.23 -15.63
N VAL A 614 2.68 3.37 -16.84
CA VAL A 614 3.53 2.35 -17.44
C VAL A 614 4.80 2.98 -17.99
N VAL A 615 5.96 2.50 -17.53
CA VAL A 615 7.24 2.98 -18.06
C VAL A 615 7.91 1.88 -18.86
N GLY A 616 8.78 2.29 -19.78
CA GLY A 616 9.48 1.33 -20.62
C GLY A 616 10.94 1.73 -20.80
N SER A 617 11.84 0.76 -20.73
CA SER A 617 13.27 1.03 -20.94
C SER A 617 13.55 1.43 -22.38
N MET A 618 14.54 2.30 -22.57
CA MET A 618 14.82 2.85 -23.90
C MET A 618 16.25 2.60 -24.35
N ASP A 619 17.00 1.77 -23.62
CA ASP A 619 18.34 1.38 -24.05
C ASP A 619 18.66 -0.05 -23.62
N ALA A 620 19.90 -0.47 -23.88
CA ALA A 620 20.32 -1.86 -23.62
C ALA A 620 20.97 -2.04 -22.25
N HIS A 621 21.11 -0.95 -21.50
CA HIS A 621 21.88 -0.96 -20.25
C HIS A 621 21.33 -1.84 -19.11
N PRO A 622 20.05 -1.68 -18.72
CA PRO A 622 19.04 -0.70 -19.12
C PRO A 622 19.02 0.48 -18.15
N ASN A 623 19.01 1.70 -18.69
CA ASN A 623 19.08 2.89 -17.84
C ASN A 623 17.94 3.89 -18.09
N ARG A 624 17.86 4.39 -19.32
CA ARG A 624 16.86 5.39 -19.67
C ARG A 624 15.46 4.77 -19.79
N TYR A 625 14.46 5.52 -19.35
CA TYR A 625 13.07 5.08 -19.42
C TYR A 625 12.16 6.18 -19.95
N CYS A 626 11.07 5.79 -20.60
CA CYS A 626 10.02 6.73 -20.97
C CYS A 626 8.74 6.35 -20.25
N ALA A 627 7.85 7.32 -20.10
CA ALA A 627 6.63 7.12 -19.31
C ALA A 627 5.36 7.32 -20.11
N THR A 628 4.31 6.62 -19.67
CA THR A 628 2.96 6.81 -20.17
C THR A 628 2.05 6.77 -18.95
N VAL A 629 1.01 7.61 -18.95
CA VAL A 629 0.12 7.70 -17.80
C VAL A 629 -1.31 8.00 -18.24
N ARG A 630 -2.27 7.40 -17.55
CA ARG A 630 -3.68 7.59 -17.88
C ARG A 630 -4.50 7.73 -16.60
N VAL A 631 -5.56 8.53 -16.66
CA VAL A 631 -6.57 8.51 -15.61
C VAL A 631 -7.56 7.44 -15.99
N GLN A 632 -8.14 6.79 -15.00
CA GLN A 632 -9.13 5.76 -15.28
C GLN A 632 -10.15 5.62 -14.16
N GLN A 633 -11.10 4.73 -14.39
CA GLN A 633 -12.25 4.52 -13.51
C GLN A 633 -11.85 4.41 -12.04
N HIS A 634 -12.70 4.95 -11.17
CA HIS A 634 -12.45 4.99 -9.73
C HIS A 634 -12.22 3.60 -9.14
N ARG A 635 -11.05 3.41 -8.54
CA ARG A 635 -10.66 2.16 -7.90
C ARG A 635 -10.68 0.93 -8.81
N GLN A 636 -10.30 1.11 -10.06
CA GLN A 636 -10.10 -0.03 -10.95
C GLN A 636 -8.63 -0.38 -11.01
N GLU A 637 -8.31 -1.65 -10.72
CA GLU A 637 -6.93 -2.11 -10.72
C GLU A 637 -6.45 -2.41 -12.13
N ILE A 638 -7.32 -3.00 -12.93
CA ILE A 638 -6.99 -3.31 -14.32
C ILE A 638 -6.67 -2.04 -15.11
N ILE A 639 -5.49 -2.02 -15.72
CA ILE A 639 -5.09 -0.89 -16.55
C ILE A 639 -5.86 -0.92 -17.87
N GLN A 640 -6.76 0.04 -18.04
CA GLN A 640 -7.71 0.04 -19.15
C GLN A 640 -7.06 0.29 -20.51
N ASP A 641 -6.18 1.27 -20.58
CA ASP A 641 -5.56 1.65 -21.86
C ASP A 641 -4.18 1.03 -22.08
N LEU A 642 -3.92 -0.12 -21.49
CA LEU A 642 -2.59 -0.74 -21.54
C LEU A 642 -2.05 -0.91 -22.96
N ALA A 643 -2.88 -1.38 -23.88
CA ALA A 643 -2.46 -1.61 -25.27
C ALA A 643 -1.84 -0.37 -25.92
N ALA A 644 -2.53 0.77 -25.81
CA ALA A 644 -2.05 2.03 -26.38
C ALA A 644 -0.75 2.49 -25.73
N MET A 645 -0.70 2.37 -24.41
CA MET A 645 0.47 2.76 -23.63
C MET A 645 1.71 1.97 -24.06
N VAL A 646 1.54 0.65 -24.11
CA VAL A 646 2.60 -0.26 -24.54
C VAL A 646 3.00 0.00 -25.99
N ARG A 647 2.02 0.27 -26.85
CA ARG A 647 2.31 0.63 -28.25
C ARG A 647 3.23 1.85 -28.31
N GLU A 648 2.88 2.90 -27.58
CA GLU A 648 3.70 4.10 -27.50
C GLU A 648 5.11 3.74 -27.07
N LEU A 649 5.22 2.97 -25.98
CA LEU A 649 6.52 2.63 -25.44
C LEU A 649 7.37 1.79 -26.40
N LEU A 650 6.73 0.92 -27.17
CA LEU A 650 7.43 0.09 -28.14
C LEU A 650 7.95 0.93 -29.31
N ILE A 651 7.10 1.85 -29.78
CA ILE A 651 7.50 2.77 -30.84
C ILE A 651 8.70 3.60 -30.40
N GLN A 652 8.61 4.15 -29.19
CA GLN A 652 9.70 4.96 -28.65
C GLN A 652 10.96 4.13 -28.45
N PHE A 653 10.79 2.87 -28.07
CA PHE A 653 11.92 1.95 -27.90
C PHE A 653 12.64 1.80 -29.24
N TYR A 654 11.87 1.57 -30.30
CA TYR A 654 12.45 1.43 -31.63
C TYR A 654 13.16 2.71 -32.04
N LYS A 655 12.56 3.85 -31.74
CA LYS A 655 13.14 5.14 -32.09
C LYS A 655 14.48 5.34 -31.39
N SER A 656 14.58 4.86 -30.15
CA SER A 656 15.80 5.04 -29.35
C SER A 656 16.91 4.03 -29.67
N THR A 657 16.54 2.79 -29.94
CA THR A 657 17.51 1.71 -30.05
C THR A 657 17.67 1.16 -31.47
N ARG A 658 16.69 1.43 -32.32
CA ARG A 658 16.62 0.84 -33.66
C ARG A 658 16.53 -0.69 -33.62
N PHE A 659 15.98 -1.20 -32.52
CA PHE A 659 15.67 -2.61 -32.40
C PHE A 659 14.20 -2.78 -32.11
N LYS A 660 13.66 -3.93 -32.49
CA LYS A 660 12.34 -4.34 -32.05
C LYS A 660 12.56 -5.39 -30.97
N PRO A 661 11.98 -5.19 -29.78
CA PRO A 661 12.19 -6.13 -28.67
C PRO A 661 11.76 -7.54 -29.06
N THR A 662 12.67 -8.50 -28.94
CA THR A 662 12.30 -9.89 -29.12
C THR A 662 11.60 -10.36 -27.84
N ARG A 663 11.85 -9.66 -26.74
CA ARG A 663 11.26 -10.00 -25.45
C ARG A 663 10.69 -8.79 -24.70
N ILE A 664 9.58 -9.01 -24.01
CA ILE A 664 8.94 -8.00 -23.19
C ILE A 664 8.81 -8.50 -21.77
N ILE A 665 9.53 -7.85 -20.85
CA ILE A 665 9.46 -8.22 -19.44
C ILE A 665 8.62 -7.19 -18.68
N PHE A 666 7.51 -7.64 -18.13
CA PHE A 666 6.49 -6.77 -17.58
C PHE A 666 6.36 -6.94 -16.06
N TYR A 667 6.90 -5.98 -15.32
CA TYR A 667 6.73 -5.96 -13.87
C TYR A 667 5.49 -5.16 -13.49
N ARG A 668 4.57 -5.83 -12.81
CA ARG A 668 3.25 -5.28 -12.51
C ARG A 668 3.05 -5.16 -11.01
N ASP A 669 3.11 -3.92 -10.51
CA ASP A 669 3.04 -3.69 -9.07
C ASP A 669 1.60 -3.68 -8.55
N GLY A 670 1.41 -4.26 -7.37
CA GLY A 670 0.21 -4.06 -6.59
C GLY A 670 -1.02 -4.90 -6.89
N VAL A 671 -0.86 -5.98 -7.63
CA VAL A 671 -1.98 -6.88 -7.88
C VAL A 671 -1.97 -8.02 -6.87
N SER A 672 -3.07 -8.19 -6.15
CA SER A 672 -3.19 -9.27 -5.18
C SER A 672 -3.69 -10.54 -5.86
N GLU A 673 -3.61 -11.66 -5.16
CA GLU A 673 -3.97 -12.97 -5.71
C GLU A 673 -5.39 -13.03 -6.25
N GLY A 674 -6.32 -12.40 -5.52
CA GLY A 674 -7.72 -12.42 -5.89
C GLY A 674 -8.03 -11.70 -7.19
N GLN A 675 -7.02 -11.08 -7.79
CA GLN A 675 -7.19 -10.38 -9.05
C GLN A 675 -6.17 -10.81 -10.10
N PHE A 676 -5.48 -11.90 -9.84
CA PHE A 676 -4.49 -12.40 -10.78
C PHE A 676 -5.11 -12.73 -12.14
N GLN A 677 -6.23 -13.45 -12.12
CA GLN A 677 -6.87 -13.90 -13.35
C GLN A 677 -7.39 -12.74 -14.21
N GLN A 678 -8.14 -11.82 -13.60
CA GLN A 678 -8.70 -10.69 -14.32
C GLN A 678 -7.61 -9.81 -14.93
N VAL A 679 -6.69 -9.38 -14.07
CA VAL A 679 -5.56 -8.55 -14.49
C VAL A 679 -4.76 -9.19 -15.60
N LEU A 680 -4.33 -10.44 -15.40
CA LEU A 680 -3.54 -11.13 -16.41
C LEU A 680 -4.31 -11.27 -17.73
N HIS A 681 -5.57 -11.66 -17.63
CA HIS A 681 -6.43 -11.81 -18.81
C HIS A 681 -6.51 -10.53 -19.65
N HIS A 682 -6.83 -9.40 -19.01
CA HIS A 682 -6.92 -8.15 -19.77
C HIS A 682 -5.56 -7.66 -20.25
N GLU A 683 -4.57 -7.65 -19.36
CA GLU A 683 -3.30 -6.99 -19.61
C GLU A 683 -2.34 -7.75 -20.53
N LEU A 684 -2.29 -9.07 -20.40
CA LEU A 684 -1.47 -9.87 -21.30
C LEU A 684 -1.97 -9.72 -22.74
N LEU A 685 -3.28 -9.87 -22.90
CA LEU A 685 -3.92 -9.66 -24.19
C LEU A 685 -3.73 -8.24 -24.69
N ALA A 686 -3.65 -7.28 -23.76
CA ALA A 686 -3.41 -5.89 -24.14
C ALA A 686 -2.00 -5.73 -24.74
N ILE A 687 -1.02 -6.35 -24.10
CA ILE A 687 0.35 -6.31 -24.61
C ILE A 687 0.45 -6.97 -25.98
N ARG A 688 -0.15 -8.15 -26.10
CA ARG A 688 -0.22 -8.85 -27.39
C ARG A 688 -0.86 -7.98 -28.47
N GLU A 689 -1.96 -7.33 -28.12
CA GLU A 689 -2.69 -6.47 -29.04
C GLU A 689 -1.80 -5.33 -29.52
N ALA A 690 -1.09 -4.72 -28.57
CA ALA A 690 -0.14 -3.66 -28.87
C ALA A 690 0.93 -4.13 -29.84
N CYS A 691 1.32 -5.40 -29.73
CA CYS A 691 2.32 -5.96 -30.64
C CYS A 691 1.75 -6.25 -32.04
N ILE A 692 0.57 -6.86 -32.07
CA ILE A 692 -0.09 -7.23 -33.31
C ILE A 692 -0.42 -6.01 -34.17
N LYS A 693 -0.96 -4.98 -33.54
CA LYS A 693 -1.32 -3.78 -34.28
C LYS A 693 -0.11 -2.99 -34.77
N LEU A 694 1.06 -3.27 -34.17
CA LEU A 694 2.28 -2.59 -34.59
C LEU A 694 2.86 -3.23 -35.85
N GLU A 695 2.68 -4.54 -35.99
CA GLU A 695 3.34 -5.28 -37.04
C GLU A 695 2.74 -6.68 -37.16
N LYS A 696 2.51 -7.11 -38.40
CA LYS A 696 1.99 -8.45 -38.65
C LYS A 696 3.00 -9.49 -38.21
N ASP A 697 2.52 -10.47 -37.46
CA ASP A 697 3.36 -11.57 -36.95
C ASP A 697 4.53 -11.10 -36.07
N TYR A 698 4.35 -9.98 -35.39
CA TYR A 698 5.29 -9.56 -34.35
C TYR A 698 4.79 -10.09 -33.02
N GLN A 699 5.46 -11.12 -32.51
CA GLN A 699 5.05 -11.79 -31.29
C GLN A 699 6.25 -11.98 -30.38
N PRO A 700 6.66 -10.92 -29.69
CA PRO A 700 7.76 -11.08 -28.73
C PRO A 700 7.30 -11.87 -27.52
N GLY A 701 8.19 -12.69 -26.94
CA GLY A 701 7.85 -13.45 -25.76
C GLY A 701 7.57 -12.53 -24.59
N ILE A 702 6.49 -12.77 -23.87
CA ILE A 702 6.12 -11.93 -22.75
C ILE A 702 6.31 -12.64 -21.41
N THR A 703 7.03 -12.00 -20.49
CA THR A 703 7.06 -12.46 -19.11
C THR A 703 6.25 -11.48 -18.27
N PHE A 704 5.27 -12.00 -17.54
CA PHE A 704 4.36 -11.20 -16.74
C PHE A 704 4.62 -11.54 -15.27
N ILE A 705 5.22 -10.60 -14.55
CA ILE A 705 5.51 -10.80 -13.14
C ILE A 705 4.68 -9.85 -12.29
N VAL A 706 4.08 -10.35 -11.22
CA VAL A 706 3.40 -9.48 -10.27
C VAL A 706 4.30 -9.19 -9.08
N VAL A 707 4.64 -7.91 -8.91
CA VAL A 707 5.44 -7.47 -7.77
C VAL A 707 4.52 -7.11 -6.63
N GLN A 708 4.80 -7.64 -5.44
CA GLN A 708 3.95 -7.42 -4.29
C GLN A 708 4.78 -7.09 -3.06
N LYS A 709 4.59 -5.89 -2.54
CA LYS A 709 5.35 -5.38 -1.41
C LYS A 709 4.46 -5.33 -0.17
N ARG A 710 3.15 -5.36 -0.39
CA ARG A 710 2.19 -5.24 0.70
C ARG A 710 1.57 -6.58 1.08
N HIS A 711 2.43 -7.54 1.41
CA HIS A 711 1.98 -8.81 1.96
C HIS A 711 2.40 -8.85 3.43
N HIS A 712 2.21 -10.00 4.09
CA HIS A 712 2.52 -10.10 5.51
C HIS A 712 3.63 -11.10 5.81
N THR A 713 4.37 -11.50 4.78
CA THR A 713 5.48 -12.41 4.94
C THR A 713 6.71 -11.68 5.48
N ARG A 714 7.23 -12.15 6.61
CA ARG A 714 8.44 -11.58 7.18
C ARG A 714 9.52 -12.65 7.27
N LEU A 715 10.75 -12.26 6.97
CA LEU A 715 11.88 -13.18 7.04
C LEU A 715 12.90 -12.68 8.05
N PHE A 716 13.37 -13.58 8.90
CA PHE A 716 14.28 -13.20 9.98
C PHE A 716 15.55 -14.04 9.94
N CYS A 717 16.66 -13.45 10.41
CA CYS A 717 17.90 -14.19 10.52
C CYS A 717 17.84 -15.17 11.68
N THR A 718 18.12 -16.44 11.41
CA THR A 718 18.18 -17.44 12.46
C THR A 718 19.42 -17.18 13.32
N ASP A 719 20.54 -16.97 12.64
CA ASP A 719 21.79 -16.62 13.30
C ASP A 719 21.85 -15.13 13.57
N LYS A 720 22.04 -14.77 14.84
CA LYS A 720 22.12 -13.38 15.24
C LYS A 720 23.26 -12.63 14.56
N ASN A 721 24.32 -13.36 14.20
CA ASN A 721 25.49 -12.76 13.56
C ASN A 721 25.28 -12.48 12.07
N GLU A 722 24.12 -12.88 11.55
CA GLU A 722 23.77 -12.59 10.16
C GLU A 722 23.01 -11.29 10.03
N ARG A 723 22.41 -10.85 11.14
CA ARG A 723 21.63 -9.61 11.17
C ARG A 723 22.46 -8.42 10.71
N VAL A 724 21.82 -7.48 10.02
CA VAL A 724 22.53 -6.32 9.49
C VAL A 724 22.01 -5.01 10.09
N GLY A 725 22.93 -4.15 10.53
CA GLY A 725 22.59 -2.82 11.00
C GLY A 725 21.88 -2.82 12.33
N LYS A 726 21.42 -1.64 12.75
CA LYS A 726 20.75 -1.47 14.02
C LYS A 726 19.38 -2.14 14.02
N SER A 727 18.78 -2.26 12.84
CA SER A 727 17.46 -2.87 12.72
C SER A 727 17.54 -4.40 12.73
N GLY A 728 18.73 -4.93 12.49
CA GLY A 728 18.96 -6.36 12.54
C GLY A 728 18.25 -7.17 11.47
N ASN A 729 18.19 -6.64 10.26
CA ASN A 729 17.50 -7.30 9.16
C ASN A 729 18.37 -8.24 8.35
N ILE A 730 17.71 -9.09 7.56
CA ILE A 730 18.38 -9.92 6.57
C ILE A 730 19.14 -9.03 5.58
N PRO A 731 20.25 -9.55 5.02
CA PRO A 731 21.02 -8.72 4.10
C PRO A 731 20.34 -8.56 2.74
N ALA A 732 20.62 -7.46 2.06
CA ALA A 732 20.15 -7.26 0.69
C ALA A 732 20.60 -8.43 -0.18
N GLY A 733 19.69 -8.93 -1.01
CA GLY A 733 20.00 -10.03 -1.90
C GLY A 733 19.33 -11.33 -1.47
N THR A 734 18.78 -11.34 -0.27
CA THR A 734 18.15 -12.53 0.29
C THR A 734 16.99 -13.01 -0.58
N THR A 735 17.09 -14.26 -1.03
CA THR A 735 16.10 -14.84 -1.94
C THR A 735 15.52 -16.14 -1.38
N VAL A 736 14.20 -16.27 -1.44
CA VAL A 736 13.54 -17.50 -1.01
C VAL A 736 12.58 -18.00 -2.09
N ASP A 737 12.87 -19.17 -2.64
CA ASP A 737 11.95 -19.80 -3.59
C ASP A 737 11.59 -21.23 -3.19
N THR A 738 11.71 -21.53 -1.90
CA THR A 738 11.37 -22.86 -1.39
C THR A 738 10.54 -22.80 -0.11
N LYS A 739 9.93 -23.94 0.22
CA LYS A 739 9.22 -24.15 1.48
C LYS A 739 7.96 -23.31 1.70
N ILE A 740 8.09 -21.98 1.64
CA ILE A 740 6.97 -21.11 1.94
C ILE A 740 6.33 -20.49 0.69
N THR A 741 6.86 -20.85 -0.48
CA THR A 741 6.34 -20.32 -1.73
C THR A 741 5.20 -21.20 -2.26
N HIS A 742 4.78 -20.96 -3.50
CA HIS A 742 3.66 -21.69 -4.07
C HIS A 742 4.02 -23.13 -4.45
N PRO A 743 3.11 -24.07 -4.17
CA PRO A 743 3.34 -25.51 -4.44
C PRO A 743 3.53 -25.88 -5.91
N THR A 744 2.89 -25.17 -6.84
CA THR A 744 2.99 -25.54 -8.26
C THR A 744 3.52 -24.41 -9.13
N GLU A 745 3.40 -23.17 -8.66
CA GLU A 745 3.64 -22.02 -9.53
C GLU A 745 5.00 -21.35 -9.36
N PHE A 746 5.29 -20.43 -10.28
CA PHE A 746 6.58 -19.74 -10.35
C PHE A 746 6.53 -18.44 -9.55
N ASP A 747 6.90 -18.50 -8.27
CA ASP A 747 6.98 -17.31 -7.44
C ASP A 747 8.17 -17.36 -6.49
N PHE A 748 8.60 -16.20 -6.00
CA PHE A 748 9.72 -16.12 -5.07
C PHE A 748 9.75 -14.81 -4.29
N TYR A 749 10.40 -14.83 -3.14
CA TYR A 749 10.65 -13.62 -2.38
C TYR A 749 12.07 -13.12 -2.65
N LEU A 750 12.19 -11.83 -2.95
CA LEU A 750 13.48 -11.18 -3.05
C LEU A 750 13.47 -9.93 -2.20
N CYS A 751 14.35 -9.91 -1.20
CA CYS A 751 14.58 -8.72 -0.41
C CYS A 751 15.84 -8.07 -0.96
N SER A 752 15.66 -7.19 -1.92
CA SER A 752 16.76 -6.61 -2.68
C SER A 752 17.40 -5.40 -1.98
N HIS A 753 16.78 -4.94 -0.90
CA HIS A 753 17.19 -3.69 -0.28
C HIS A 753 17.78 -3.87 1.12
N ALA A 754 18.61 -2.91 1.52
CA ALA A 754 19.14 -2.87 2.87
C ALA A 754 18.06 -2.42 3.85
N GLY A 755 17.88 -3.18 4.93
CA GLY A 755 16.93 -2.84 5.97
C GLY A 755 17.48 -1.80 6.92
N ILE A 756 17.11 -0.54 6.69
CA ILE A 756 17.59 0.57 7.50
C ILE A 756 16.87 0.62 8.84
N GLN A 757 15.55 0.55 8.79
CA GLN A 757 14.73 0.75 9.98
C GLN A 757 13.62 -0.29 10.04
N GLY A 758 13.15 -0.60 11.24
CA GLY A 758 12.08 -1.56 11.44
C GLY A 758 12.38 -2.95 10.91
N THR A 759 11.36 -3.60 10.38
CA THR A 759 11.53 -4.90 9.77
C THR A 759 11.31 -4.80 8.26
N SER A 760 12.26 -5.34 7.50
CA SER A 760 12.21 -5.28 6.04
C SER A 760 10.99 -6.01 5.49
N ARG A 761 10.48 -5.51 4.37
CA ARG A 761 9.46 -6.22 3.60
C ARG A 761 10.12 -6.79 2.36
N PRO A 762 10.29 -8.12 2.31
CA PRO A 762 10.85 -8.71 1.10
C PRO A 762 9.82 -8.73 -0.01
N SER A 763 10.16 -8.15 -1.16
CA SER A 763 9.19 -8.09 -2.25
C SER A 763 8.87 -9.49 -2.73
N HIS A 764 7.61 -9.71 -3.09
CA HIS A 764 7.21 -10.99 -3.65
C HIS A 764 6.94 -10.88 -5.14
N TYR A 765 7.48 -11.81 -5.90
CA TYR A 765 7.37 -11.83 -7.35
C TYR A 765 6.64 -13.09 -7.77
N HIS A 766 5.54 -12.91 -8.49
CA HIS A 766 4.75 -14.05 -8.95
C HIS A 766 4.61 -14.00 -10.47
N VAL A 767 5.14 -15.03 -11.12
CA VAL A 767 5.14 -15.07 -12.58
C VAL A 767 3.83 -15.64 -13.11
N LEU A 768 3.02 -14.79 -13.74
CA LEU A 768 1.71 -15.20 -14.23
C LEU A 768 1.77 -15.75 -15.66
N TRP A 769 2.84 -15.45 -16.37
CA TRP A 769 2.99 -15.89 -17.75
C TRP A 769 4.44 -15.75 -18.19
N ASP A 770 4.94 -16.69 -18.99
CA ASP A 770 6.32 -16.62 -19.43
C ASP A 770 6.58 -17.39 -20.72
N ASP A 771 6.52 -16.68 -21.84
CA ASP A 771 6.81 -17.26 -23.14
C ASP A 771 8.31 -17.50 -23.29
N ASN A 772 9.09 -16.80 -22.47
CA ASN A 772 10.54 -16.81 -22.60
C ASN A 772 11.22 -17.95 -21.86
N ARG A 773 10.43 -18.68 -21.07
CA ARG A 773 10.92 -19.87 -20.35
C ARG A 773 12.14 -19.58 -19.49
N PHE A 774 12.07 -18.52 -18.70
CA PHE A 774 13.12 -18.19 -17.75
C PHE A 774 13.32 -19.33 -16.76
N SER A 775 14.57 -19.54 -16.35
CA SER A 775 14.85 -20.39 -15.21
C SER A 775 14.76 -19.49 -13.99
N SER A 776 14.51 -20.08 -12.82
CA SER A 776 14.42 -19.32 -11.58
C SER A 776 15.64 -18.44 -11.36
N ASP A 777 16.82 -19.02 -11.52
CA ASP A 777 18.06 -18.30 -11.31
C ASP A 777 18.17 -17.02 -12.14
N GLU A 778 17.96 -17.15 -13.45
CA GLU A 778 18.11 -16.00 -14.34
C GLU A 778 17.08 -14.91 -14.05
N LEU A 779 15.85 -15.30 -13.71
CA LEU A 779 14.81 -14.32 -13.45
C LEU A 779 15.04 -13.59 -12.13
N GLN A 780 15.50 -14.34 -11.13
CA GLN A 780 15.79 -13.77 -9.82
C GLN A 780 16.97 -12.81 -9.89
N ILE A 781 18.00 -13.22 -10.62
CA ILE A 781 19.18 -12.39 -10.79
C ILE A 781 18.87 -11.15 -11.62
N LEU A 782 18.05 -11.32 -12.65
CA LEU A 782 17.61 -10.19 -13.46
C LEU A 782 16.87 -9.17 -12.61
N THR A 783 15.90 -9.66 -11.83
CA THR A 783 15.14 -8.80 -10.93
C THR A 783 16.06 -8.05 -9.98
N TYR A 784 16.98 -8.79 -9.37
CA TYR A 784 17.90 -8.20 -8.41
C TYR A 784 18.76 -7.11 -9.05
N GLN A 785 19.30 -7.41 -10.22
CA GLN A 785 20.12 -6.43 -10.93
C GLN A 785 19.32 -5.19 -11.30
N LEU A 786 18.05 -5.39 -11.66
CA LEU A 786 17.17 -4.29 -12.00
C LEU A 786 16.95 -3.39 -10.79
N CYS A 787 16.98 -3.98 -9.60
CA CYS A 787 16.91 -3.19 -8.38
C CYS A 787 18.11 -2.26 -8.17
N HIS A 788 19.15 -2.41 -8.99
CA HIS A 788 20.36 -1.59 -8.86
C HIS A 788 20.44 -0.51 -9.95
N THR A 789 19.43 -0.44 -10.81
CA THR A 789 19.45 0.54 -11.89
C THR A 789 18.65 1.80 -11.59
N TYR A 790 18.08 1.87 -10.38
CA TYR A 790 17.25 2.99 -9.97
C TYR A 790 18.09 4.24 -9.72
N VAL A 791 17.85 5.27 -10.52
CA VAL A 791 18.77 6.40 -10.63
C VAL A 791 18.74 7.45 -9.51
N ARG A 792 17.69 7.46 -8.68
CA ARG A 792 17.57 8.51 -7.68
C ARG A 792 18.44 8.29 -6.44
N CYS A 793 19.17 7.18 -6.41
CA CYS A 793 20.08 6.88 -5.31
C CYS A 793 21.07 5.76 -5.66
N THR A 794 22.24 5.81 -5.05
CA THR A 794 23.24 4.77 -5.24
C THR A 794 23.01 3.63 -4.24
N ARG A 795 21.83 3.04 -4.32
CA ARG A 795 21.44 1.96 -3.43
C ARG A 795 20.58 0.98 -4.22
N SER A 796 20.58 -0.28 -3.81
CA SER A 796 19.66 -1.24 -4.36
C SER A 796 18.30 -1.01 -3.71
N VAL A 797 17.26 -0.84 -4.52
CA VAL A 797 15.94 -0.51 -3.98
C VAL A 797 15.06 -1.76 -3.81
N SER A 798 13.93 -1.59 -3.14
CA SER A 798 13.10 -2.72 -2.72
C SER A 798 12.30 -3.37 -3.87
N ILE A 799 12.17 -2.66 -4.98
CA ILE A 799 11.50 -3.19 -6.17
C ILE A 799 12.29 -2.79 -7.42
N PRO A 800 12.15 -3.55 -8.53
CA PRO A 800 12.92 -3.19 -9.72
C PRO A 800 12.61 -1.78 -10.21
N ALA A 801 13.63 -1.10 -10.73
CA ALA A 801 13.50 0.27 -11.19
C ALA A 801 12.27 0.57 -12.07
N PRO A 802 11.91 -0.33 -13.00
CA PRO A 802 10.70 -0.05 -13.78
C PRO A 802 9.45 0.19 -12.92
N ALA A 803 9.20 -0.69 -11.96
CA ALA A 803 8.03 -0.58 -11.09
C ALA A 803 8.10 0.70 -10.24
N TYR A 804 9.29 1.02 -9.76
CA TYR A 804 9.51 2.23 -8.97
C TYR A 804 9.20 3.48 -9.78
N TYR A 805 9.73 3.53 -11.00
CA TYR A 805 9.48 4.62 -11.92
C TYR A 805 7.97 4.75 -12.20
N ALA A 806 7.31 3.61 -12.41
CA ALA A 806 5.86 3.60 -12.56
C ALA A 806 5.19 4.32 -11.40
N HIS A 807 5.62 3.99 -10.17
CA HIS A 807 5.14 4.69 -8.99
C HIS A 807 5.39 6.21 -9.06
N LEU A 808 6.59 6.62 -9.45
CA LEU A 808 6.92 8.05 -9.52
C LEU A 808 6.05 8.79 -10.52
N VAL A 809 5.78 8.13 -11.65
CA VAL A 809 4.93 8.68 -12.69
C VAL A 809 3.50 8.87 -12.18
N ALA A 810 2.96 7.83 -11.55
CA ALA A 810 1.61 7.94 -11.00
C ALA A 810 1.52 9.04 -9.93
N PHE A 811 2.60 9.18 -9.17
CA PHE A 811 2.68 10.19 -8.11
C PHE A 811 2.68 11.62 -8.69
N ARG A 812 3.48 11.81 -9.72
CA ARG A 812 3.52 13.09 -10.44
C ARG A 812 2.16 13.39 -11.04
N ALA A 813 1.49 12.36 -11.56
CA ALA A 813 0.15 12.51 -12.10
C ALA A 813 -0.81 12.97 -11.00
N ARG A 814 -0.65 12.42 -9.80
CA ARG A 814 -1.41 12.86 -8.65
C ARG A 814 -1.20 14.36 -8.44
N TYR A 815 0.06 14.80 -8.53
CA TYR A 815 0.34 16.23 -8.39
C TYR A 815 -0.29 17.11 -9.49
N HIS A 816 -0.29 16.60 -10.72
CA HIS A 816 -0.90 17.33 -11.82
C HIS A 816 -2.42 17.46 -11.62
N LEU A 817 -2.99 16.47 -10.94
CA LEU A 817 -4.44 16.40 -10.74
C LEU A 817 -4.92 17.08 -9.47
N VAL A 818 -4.02 17.70 -8.72
CA VAL A 818 -4.39 18.26 -7.40
C VAL A 818 -5.55 19.26 -7.49
N ASP A 819 -6.60 18.96 -6.74
CA ASP A 819 -7.83 19.75 -6.67
C ASP A 819 -8.65 19.76 -7.96
N LYS A 820 -8.37 18.84 -8.88
CA LYS A 820 -9.10 18.82 -10.14
C LYS A 820 -10.13 17.70 -10.23
N GLU A 821 -10.36 17.03 -9.11
CA GLU A 821 -11.26 15.87 -9.10
C GLU A 821 -12.01 15.75 -7.78
N GLY A 836 -16.86 11.19 -19.33
CA GLY A 836 -17.48 11.99 -20.39
C GLY A 836 -16.66 13.21 -20.71
N ARG A 837 -17.07 14.36 -20.17
CA ARG A 837 -16.34 15.61 -20.36
C ARG A 837 -15.26 15.74 -19.30
N ASP A 838 -15.62 15.37 -18.07
CA ASP A 838 -14.71 15.41 -16.94
C ASP A 838 -13.52 14.46 -17.12
N HIS A 839 -13.77 13.30 -17.74
CA HIS A 839 -12.68 12.38 -18.05
C HIS A 839 -11.71 13.01 -19.04
N GLN A 840 -12.24 13.73 -20.01
CA GLN A 840 -11.40 14.45 -20.96
C GLN A 840 -10.54 15.47 -20.24
N ALA A 841 -11.17 16.22 -19.33
CA ALA A 841 -10.46 17.24 -18.56
C ALA A 841 -9.32 16.65 -17.72
N LEU A 842 -9.62 15.58 -16.99
CA LEU A 842 -8.63 14.93 -16.14
C LEU A 842 -7.52 14.28 -16.96
N ALA A 843 -7.88 13.73 -18.12
CA ALA A 843 -6.90 13.16 -19.04
C ALA A 843 -5.94 14.25 -19.50
N LYS A 844 -6.51 15.41 -19.82
CA LYS A 844 -5.73 16.58 -20.24
C LYS A 844 -4.78 17.02 -19.13
N ALA A 845 -5.25 16.95 -17.88
CA ALA A 845 -4.44 17.35 -16.74
C ALA A 845 -3.15 16.56 -16.59
N VAL A 846 -3.18 15.27 -16.92
CA VAL A 846 -2.01 14.41 -16.75
C VAL A 846 -1.20 14.25 -18.04
N GLN A 847 -1.64 14.88 -19.12
CA GLN A 847 -0.93 14.78 -20.39
C GLN A 847 0.25 15.72 -20.44
N VAL A 848 1.45 15.16 -20.45
CA VAL A 848 2.66 15.97 -20.47
C VAL A 848 2.90 16.61 -21.84
N HIS A 849 3.64 17.72 -21.84
CA HIS A 849 4.00 18.43 -23.06
C HIS A 849 4.76 17.50 -24.01
N GLN A 850 4.76 17.86 -25.28
CA GLN A 850 5.46 17.09 -26.32
C GLN A 850 6.94 16.92 -25.98
N ASP A 851 7.57 17.98 -25.51
CA ASP A 851 8.99 17.98 -25.18
C ASP A 851 9.30 17.24 -23.87
N THR A 852 8.27 16.76 -23.21
CA THR A 852 8.42 16.07 -21.93
C THR A 852 8.26 14.55 -22.13
N LEU A 853 7.67 14.17 -23.26
CA LEU A 853 7.38 12.77 -23.56
C LEU A 853 8.58 11.82 -23.52
N ARG A 854 9.72 12.27 -24.06
CA ARG A 854 10.90 11.42 -24.13
C ARG A 854 11.85 11.65 -22.95
N THR A 855 11.33 12.20 -21.86
CA THR A 855 12.15 12.57 -20.72
C THR A 855 11.84 11.75 -19.48
N MET A 856 12.75 11.80 -18.52
CA MET A 856 12.51 11.23 -17.20
C MET A 856 12.19 12.35 -16.22
N TYR A 857 11.11 13.08 -16.52
CA TYR A 857 10.62 14.19 -15.71
C TYR A 857 10.20 13.73 -14.33
N PHE A 858 9.82 12.45 -14.24
CA PHE A 858 9.30 11.87 -13.01
C PHE A 858 10.39 11.61 -11.97
N ALA A 859 11.65 11.78 -12.35
CA ALA A 859 12.76 11.56 -11.43
C ALA A 859 12.78 12.63 -10.34
#